data_7F7Q
#
_entry.id   7F7Q
#
_cell.length_a   81.875
_cell.length_b   83.394
_cell.length_c   146.329
_cell.angle_alpha   90.000
_cell.angle_beta   90.000
_cell.angle_gamma   90.000
#
_symmetry.space_group_name_H-M   'P 21 21 21'
#
loop_
_entity.id
_entity.type
_entity.pdbx_description
1 polymer 'GH31 alpha-N-acetylgalactosaminidase'
2 non-polymer 2-acetamido-2-deoxy-alpha-D-galactopyranose
3 non-polymer P-NITROPHENOL
4 non-polymer 1,2-ETHANEDIOL
5 non-polymer 'PENTAETHYLENE GLYCOL'
6 water water
#
_entity_poly.entity_id   1
_entity_poly.type   'polypeptide(L)'
_entity_poly.pdbx_seq_one_letter_code
;MGSSHHHHHHSSGLVPRGSHMQEQTAKEDVADSATSVGAIVSIEKAEKNFVITYASGKKAQISILNDHLFRYHLDPTGKF
EEYPTPNDPKHVAKITAKTMADYGTQAFEQTNVTDSGNQFILENNGLKIIFEKESALMKVLDKKKNQVILEETAPLSFKN
DKATQTLKQSSQENYFGGGTQNGRFTHKGTAIQIVNTNNWVDGGVASPNPFYWSTAGYGVVRNTWKPGNYDFGSHDPQTT
TTTHEGTDFDAFYFFNDSSAGILKDYYELTGKPALMPEYGFYEAHLNAYNRDYWVKVAEGTAGAVKFEDGNFYKEYQPGD
LGNLNGTLESLNGEKENYQFSARAVIDRYKKNDMPLGWFLPNDGYGAGYGQTDSLDGDVQNLKEFTDYAQANGVEVGLWT
QSNLHPADPKNPKKGERDIAKEVSVAGVKALKTAVAWVGYGYSFGLNGVEDAANVFVKETDGAVRPMIVSLDGWAGTQRH
AGIWTGDQTGGQWEYIRFHIPTYIGTSLSGQPNVGSDMDGIFGGKNKEVNIRDFQWKTFTPVQLNMDGWGSNPKTPFAFD
QEATDLNRAYLKLKSMMMPYNYSIAKESVDGLPMVRAMALEFPNEGTAYTKDSQYQYMWGPNLLVAPIYNGNQDEAGNSI
RDGIYLPDEKQVWVDLFTGEKYQGGRVLNGVKTPLWKVPVFVKDGSIIPMTNPNNNPKEIQRDQRSFLIYPNGATSFNMY
EDDGISTSYEAGQSATTKINSQGPKSNEKGDLTVTIEPTKGSYKDFVDERSTTLDLLASEAPESVTAMVGGTEVTLKQAA
NKEEFLAGTNLYYFDKEFQVNQYLSEASGEKLNQSALSVKLAKQSVTAKDVQITVKGFINKGTVDGGNTTVDDQLTIPAN
IAINEEKTTPSSLTLQWDQVTEATSYEVERDGTVFGNIQTNTATFDGFSFLSEHTFRVRAVGKNGVSEWSEPIKGKTQDD
PYK
;
_entity_poly.pdbx_strand_id   A
#
# COMPACT_ATOMS: atom_id res chain seq x y z
N SER A 36 21.82 32.22 13.63
CA SER A 36 22.58 31.08 14.24
C SER A 36 22.67 31.27 15.76
N VAL A 37 22.52 30.21 16.55
CA VAL A 37 22.44 30.32 18.03
C VAL A 37 23.84 30.36 18.65
N GLY A 38 24.90 30.15 17.85
CA GLY A 38 26.30 30.32 18.31
C GLY A 38 26.87 29.06 18.92
N ALA A 39 28.06 29.18 19.52
CA ALA A 39 28.79 28.07 20.16
C ALA A 39 27.95 27.44 21.27
N ILE A 40 28.19 26.16 21.54
CA ILE A 40 27.68 25.51 22.76
C ILE A 40 28.64 25.81 23.91
N VAL A 41 28.10 26.33 25.00
CA VAL A 41 28.87 26.69 26.21
C VAL A 41 28.73 25.55 27.23
N SER A 42 27.59 24.84 27.24
CA SER A 42 27.33 23.79 28.25
C SER A 42 26.27 22.79 27.77
N ILE A 43 26.41 21.57 28.22
CA ILE A 43 25.33 20.55 28.11
C ILE A 43 25.25 19.89 29.48
N GLU A 44 24.11 20.05 30.13
CA GLU A 44 23.89 19.58 31.51
C GLU A 44 22.82 18.51 31.53
N LYS A 45 23.01 17.50 32.37
CA LYS A 45 21.99 16.46 32.56
C LYS A 45 21.02 16.92 33.63
N ALA A 46 19.84 17.35 33.20
CA ALA A 46 18.76 17.81 34.08
C ALA A 46 17.93 16.62 34.55
N GLU A 47 16.79 16.87 35.19
CA GLU A 47 16.00 15.80 35.83
C GLU A 47 15.49 14.82 34.78
N LYS A 48 15.03 15.33 33.63
CA LYS A 48 14.34 14.50 32.61
C LYS A 48 15.02 14.57 31.26
N ASN A 49 15.96 15.48 31.03
CA ASN A 49 16.54 15.67 29.68
C ASN A 49 17.89 16.39 29.80
N PHE A 50 18.59 16.53 28.69
CA PHE A 50 19.87 17.26 28.63
C PHE A 50 19.57 18.65 28.15
N VAL A 51 20.16 19.63 28.80
CA VAL A 51 19.96 21.05 28.46
C VAL A 51 21.22 21.56 27.81
N ILE A 52 21.11 22.01 26.57
CA ILE A 52 22.20 22.64 25.80
C ILE A 52 22.00 24.14 25.89
N THR A 53 23.03 24.82 26.37
CA THR A 53 23.05 26.30 26.44
C THR A 53 24.00 26.81 25.36
N TYR A 54 23.49 27.63 24.45
CA TYR A 54 24.28 28.22 23.35
C TYR A 54 24.80 29.59 23.79
N ALA A 55 25.85 30.08 23.12
CA ALA A 55 26.53 31.35 23.44
C ALA A 55 25.53 32.51 23.32
N SER A 56 24.51 32.39 22.46
CA SER A 56 23.42 33.39 22.31
C SER A 56 22.48 33.38 23.52
N GLY A 57 22.57 32.39 24.40
CA GLY A 57 21.65 32.20 25.54
C GLY A 57 20.46 31.33 25.19
N LYS A 58 20.25 31.03 23.89
CA LYS A 58 19.22 30.07 23.43
C LYS A 58 19.55 28.71 24.04
N LYS A 59 18.52 27.92 24.32
CA LYS A 59 18.68 26.59 24.92
C LYS A 59 17.97 25.56 24.05
N ALA A 60 18.50 24.36 24.12
CA ALA A 60 17.84 23.20 23.54
C ALA A 60 17.77 22.10 24.60
N GLN A 61 16.74 21.30 24.49
CA GLN A 61 16.56 20.11 25.35
C GLN A 61 16.70 18.89 24.46
N ILE A 62 17.57 17.99 24.83
CA ILE A 62 17.61 16.64 24.24
C ILE A 62 16.98 15.68 25.22
N SER A 63 15.92 15.04 24.77
CA SER A 63 15.20 13.98 25.50
C SER A 63 15.59 12.66 24.87
N ILE A 64 16.14 11.78 25.67
CA ILE A 64 16.48 10.43 25.16
C ILE A 64 15.29 9.53 25.46
N LEU A 65 14.67 8.98 24.43
CA LEU A 65 13.38 8.24 24.59
C LEU A 65 13.66 6.75 24.64
N ASN A 66 14.55 6.30 23.80
CA ASN A 66 15.12 4.94 23.91
C ASN A 66 16.55 5.03 23.38
N ASP A 67 17.20 3.90 23.24
CA ASP A 67 18.65 3.90 22.94
C ASP A 67 18.90 4.34 21.52
N HIS A 68 17.86 4.54 20.70
CA HIS A 68 18.08 4.98 19.30
C HIS A 68 17.13 6.10 18.91
N LEU A 69 16.48 6.73 19.85
CA LEU A 69 15.50 7.77 19.51
C LEU A 69 15.70 8.89 20.50
N PHE A 70 15.85 10.07 19.98
CA PHE A 70 15.89 11.25 20.85
C PHE A 70 15.13 12.38 20.20
N ARG A 71 14.69 13.27 21.06
CA ARG A 71 14.03 14.52 20.66
C ARG A 71 15.03 15.63 20.86
N TYR A 72 15.17 16.50 19.88
CA TYR A 72 16.00 17.71 20.04
C TYR A 72 15.06 18.87 19.85
N HIS A 73 14.97 19.69 20.88
CA HIS A 73 14.02 20.82 20.89
C HIS A 73 14.78 22.10 21.21
N LEU A 74 15.10 22.91 20.21
CA LEU A 74 15.62 24.28 20.45
C LEU A 74 14.39 25.17 20.45
N ASP A 75 14.06 25.72 21.62
CA ASP A 75 12.82 26.50 21.84
C ASP A 75 13.24 27.91 22.21
N PRO A 76 13.31 28.84 21.23
CA PRO A 76 13.59 30.25 21.52
C PRO A 76 12.67 30.87 22.58
N THR A 77 11.53 30.26 22.90
CA THR A 77 10.55 30.77 23.90
C THR A 77 10.87 30.25 25.30
N GLY A 78 11.63 29.16 25.40
CA GLY A 78 12.04 28.57 26.69
C GLY A 78 10.91 27.86 27.41
N LYS A 79 9.74 27.71 26.78
CA LYS A 79 8.56 27.05 27.38
C LYS A 79 8.73 25.52 27.36
N PHE A 80 9.35 24.99 26.29
CA PHE A 80 9.58 23.53 26.12
C PHE A 80 8.28 22.79 26.44
N GLU A 81 7.19 23.13 25.76
CA GLU A 81 5.89 22.43 25.93
C GLU A 81 5.98 21.06 25.26
N GLU A 82 5.28 20.04 25.77
CA GLU A 82 5.48 18.67 25.22
C GLU A 82 5.05 18.70 23.76
N TYR A 83 4.07 19.50 23.36
CA TYR A 83 3.41 19.39 22.03
C TYR A 83 3.49 20.69 21.27
N PRO A 84 3.69 20.65 19.94
CA PRO A 84 3.75 21.84 19.11
C PRO A 84 2.37 22.46 19.03
N THR A 85 2.35 23.75 18.76
CA THR A 85 1.08 24.46 18.68
C THR A 85 0.37 24.13 17.38
N PRO A 86 -0.86 23.62 17.47
CA PRO A 86 -1.64 23.30 16.29
C PRO A 86 -2.20 24.58 15.66
N ASN A 87 -2.90 24.41 14.56
CA ASN A 87 -3.38 25.58 13.77
C ASN A 87 -4.62 26.16 14.42
N ASP A 88 -5.28 25.37 15.23
CA ASP A 88 -6.47 25.79 16.01
C ASP A 88 -6.38 25.11 17.36
N PRO A 89 -6.72 25.77 18.48
CA PRO A 89 -6.67 25.11 19.78
C PRO A 89 -7.63 23.92 19.95
N LYS A 90 -8.67 23.84 19.13
CA LYS A 90 -9.63 22.72 19.18
C LYS A 90 -8.97 21.50 18.54
N HIS A 91 -7.87 21.69 17.83
CA HIS A 91 -7.17 20.54 17.19
C HIS A 91 -6.31 19.87 18.24
N VAL A 92 -6.86 18.86 18.91
CA VAL A 92 -6.21 18.26 20.11
C VAL A 92 -5.58 16.92 19.78
N ALA A 93 -5.73 16.43 18.57
CA ALA A 93 -5.06 15.18 18.19
C ALA A 93 -3.57 15.46 18.05
N LYS A 94 -2.71 14.64 18.64
CA LYS A 94 -1.27 14.92 18.65
C LYS A 94 -0.53 14.14 17.59
N ILE A 95 0.58 14.69 17.13
CA ILE A 95 1.47 13.98 16.18
C ILE A 95 1.84 12.69 16.88
N THR A 96 2.31 12.79 18.13
CA THR A 96 2.77 11.58 18.83
C THR A 96 1.59 10.80 19.40
N ALA A 97 1.69 9.48 19.33
CA ALA A 97 0.74 8.53 19.93
C ALA A 97 1.28 7.98 21.24
N LYS A 98 2.52 8.29 21.55
CA LYS A 98 3.20 7.78 22.75
C LYS A 98 3.88 9.00 23.35
N THR A 99 3.52 9.29 24.58
CA THR A 99 4.08 10.46 25.26
C THR A 99 5.57 10.28 25.54
N MET A 100 6.29 11.35 25.80
CA MET A 100 7.72 11.19 26.16
C MET A 100 7.79 10.35 27.45
N ALA A 101 6.89 10.55 28.40
CA ALA A 101 6.93 9.82 29.69
C ALA A 101 6.65 8.34 29.46
N ASP A 102 5.81 8.02 28.49
CA ASP A 102 5.44 6.61 28.18
C ASP A 102 6.69 5.84 27.74
N TYR A 103 7.74 6.48 27.23
CA TYR A 103 8.96 5.78 26.78
C TYR A 103 9.78 5.39 28.00
N GLY A 104 9.47 5.96 29.15
CA GLY A 104 10.22 5.68 30.38
C GLY A 104 11.54 6.42 30.42
N THR A 105 12.21 6.34 31.57
CA THR A 105 13.39 7.17 31.88
C THR A 105 14.67 6.35 31.74
N GLN A 106 14.57 5.07 31.42
CA GLN A 106 15.75 4.18 31.47
C GLN A 106 16.83 4.64 30.49
N ALA A 107 16.50 4.94 29.24
CA ALA A 107 17.52 5.28 28.24
C ALA A 107 18.20 6.59 28.65
N PHE A 108 17.44 7.53 29.16
CA PHE A 108 17.98 8.83 29.64
C PHE A 108 18.94 8.57 30.81
N GLU A 109 18.50 7.77 31.78
CA GLU A 109 19.36 7.40 32.94
C GLU A 109 20.66 6.83 32.43
N GLN A 110 20.60 6.08 31.35
CA GLN A 110 21.74 5.32 30.81
C GLN A 110 22.41 6.11 29.68
N THR A 111 22.24 7.41 29.65
CA THR A 111 22.97 8.31 28.73
C THR A 111 23.81 9.27 29.57
N ASN A 112 25.09 9.37 29.23
CA ASN A 112 26.05 10.24 29.94
C ASN A 112 26.45 11.43 29.06
N VAL A 113 26.61 12.61 29.66
CA VAL A 113 27.22 13.76 28.95
C VAL A 113 28.67 13.91 29.39
N THR A 114 29.57 14.10 28.45
CA THR A 114 31.01 14.27 28.74
C THR A 114 31.49 15.49 27.97
N ASP A 115 32.48 16.15 28.55
CA ASP A 115 33.16 17.32 27.97
C ASP A 115 34.50 16.80 27.48
N SER A 116 34.63 16.65 26.18
CA SER A 116 35.72 15.95 25.47
C SER A 116 36.43 16.98 24.60
N GLY A 117 37.02 17.98 25.26
CA GLY A 117 37.84 19.05 24.68
C GLY A 117 37.03 19.99 23.80
N ASN A 118 37.04 19.74 22.49
CA ASN A 118 36.39 20.60 21.46
C ASN A 118 34.94 20.15 21.28
N GLN A 119 34.53 19.05 21.90
CA GLN A 119 33.15 18.50 21.76
C GLN A 119 32.49 18.27 23.12
N PHE A 120 31.17 18.33 23.14
CA PHE A 120 30.32 17.71 24.17
C PHE A 120 29.70 16.46 23.56
N ILE A 121 29.66 15.38 24.32
CA ILE A 121 29.23 14.06 23.80
C ILE A 121 28.15 13.52 24.72
N LEU A 122 26.99 13.18 24.16
CA LEU A 122 25.95 12.34 24.83
C LEU A 122 26.13 10.90 24.40
N GLU A 123 26.25 9.97 25.34
CA GLU A 123 26.55 8.59 24.93
C GLU A 123 25.69 7.65 25.75
N ASN A 124 25.01 6.75 25.05
CA ASN A 124 24.34 5.60 25.70
C ASN A 124 24.77 4.39 24.91
N ASN A 125 24.15 3.25 25.17
N ASN A 125 24.15 3.25 25.17
CA ASN A 125 24.52 1.96 24.53
CA ASN A 125 24.54 1.97 24.55
C ASN A 125 24.25 2.07 23.03
C ASN A 125 24.25 2.07 23.04
N GLY A 126 23.34 2.95 22.62
CA GLY A 126 22.94 3.01 21.20
C GLY A 126 23.69 4.05 20.40
N LEU A 127 23.80 5.26 20.94
CA LEU A 127 24.32 6.40 20.15
C LEU A 127 25.41 7.15 20.90
N LYS A 128 26.31 7.74 20.13
CA LYS A 128 27.11 8.89 20.56
C LYS A 128 26.55 10.08 19.82
N ILE A 129 26.06 11.06 20.57
CA ILE A 129 25.59 12.32 19.97
C ILE A 129 26.68 13.32 20.26
N ILE A 130 27.34 13.80 19.21
CA ILE A 130 28.59 14.58 19.34
C ILE A 130 28.28 15.99 18.91
N PHE A 131 28.56 16.96 19.75
CA PHE A 131 28.39 18.38 19.37
C PHE A 131 29.75 19.05 19.39
N GLU A 132 30.15 19.62 18.27
CA GLU A 132 31.35 20.49 18.21
C GLU A 132 31.02 21.76 18.98
N LYS A 133 31.86 22.11 19.94
CA LYS A 133 31.54 23.25 20.82
C LYS A 133 31.48 24.55 19.99
N GLU A 134 32.52 24.85 19.21
CA GLU A 134 32.61 26.21 18.58
C GLU A 134 31.52 26.34 17.51
N SER A 135 31.33 25.33 16.66
CA SER A 135 30.38 25.41 15.52
C SER A 135 28.97 25.02 15.95
N ALA A 136 28.81 24.29 17.07
CA ALA A 136 27.52 23.77 17.61
C ALA A 136 27.02 22.58 16.79
N LEU A 137 27.79 22.11 15.82
CA LEU A 137 27.27 21.12 14.85
C LEU A 137 27.13 19.78 15.53
N MET A 138 26.01 19.13 15.26
CA MET A 138 25.67 17.82 15.82
C MET A 138 26.03 16.74 14.82
N LYS A 139 26.58 15.66 15.31
CA LYS A 139 26.66 14.46 14.46
C LYS A 139 26.35 13.27 15.35
N VAL A 140 25.79 12.25 14.76
CA VAL A 140 25.33 11.07 15.55
C VAL A 140 26.07 9.84 15.04
N LEU A 141 26.90 9.26 15.91
CA LEU A 141 27.54 7.94 15.68
C LEU A 141 26.56 6.86 16.17
N ASP A 142 26.16 5.99 15.26
CA ASP A 142 25.45 4.74 15.60
C ASP A 142 26.51 3.77 16.09
N LYS A 143 26.47 3.38 17.36
CA LYS A 143 27.59 2.64 17.98
C LYS A 143 27.58 1.22 17.46
N LYS A 144 26.42 0.68 17.10
CA LYS A 144 26.40 -0.69 16.53
C LYS A 144 27.17 -0.67 15.21
N LYS A 145 26.96 0.33 14.37
CA LYS A 145 27.68 0.45 13.08
C LYS A 145 29.07 1.06 13.25
N ASN A 146 29.27 1.81 14.33
CA ASN A 146 30.49 2.64 14.50
C ASN A 146 30.64 3.55 13.28
N GLN A 147 29.54 4.15 12.84
CA GLN A 147 29.60 5.10 11.73
C GLN A 147 28.79 6.32 12.09
N VAL A 148 29.24 7.45 11.57
CA VAL A 148 28.47 8.70 11.68
C VAL A 148 27.33 8.61 10.68
N ILE A 149 26.11 8.62 11.19
CA ILE A 149 24.89 8.40 10.38
C ILE A 149 24.30 9.74 10.00
N LEU A 150 24.45 10.76 10.83
CA LEU A 150 23.84 12.07 10.56
C LEU A 150 24.87 13.10 10.99
N GLU A 151 25.13 14.10 10.16
CA GLU A 151 26.15 15.12 10.47
C GLU A 151 25.63 16.43 9.95
N GLU A 152 25.44 17.39 10.83
CA GLU A 152 25.18 18.77 10.40
C GLU A 152 26.46 19.38 9.82
N THR A 153 26.35 20.11 8.72
CA THR A 153 27.51 20.75 8.03
C THR A 153 27.39 22.27 8.03
N ALA A 154 26.30 22.79 8.52
CA ALA A 154 26.12 24.22 8.80
C ALA A 154 25.15 24.27 9.96
N PRO A 155 25.22 25.33 10.78
CA PRO A 155 24.40 25.36 11.98
C PRO A 155 22.93 25.64 11.64
N LEU A 156 22.03 25.24 12.53
CA LEU A 156 20.59 25.53 12.33
C LEU A 156 20.47 26.99 11.95
N SER A 157 19.68 27.30 10.94
CA SER A 157 19.42 28.68 10.46
C SER A 157 17.97 29.02 10.77
N PHE A 158 17.72 30.19 11.38
CA PHE A 158 16.37 30.63 11.79
C PHE A 158 15.95 31.87 10.99
N LYS A 159 16.59 32.12 9.86
CA LYS A 159 16.33 33.34 9.06
C LYS A 159 15.01 33.17 8.31
N ASN A 160 14.32 34.28 8.08
CA ASN A 160 13.12 34.35 7.21
C ASN A 160 12.01 33.52 7.85
N ASP A 161 11.95 33.47 9.18
CA ASP A 161 10.84 32.83 9.94
C ASP A 161 10.75 31.36 9.54
N LYS A 162 11.91 30.77 9.34
CA LYS A 162 12.00 29.33 9.03
C LYS A 162 13.10 28.73 9.89
N ALA A 163 13.05 27.42 10.05
CA ALA A 163 13.99 26.67 10.88
C ALA A 163 14.58 25.61 9.97
N THR A 164 15.83 25.80 9.60
CA THR A 164 16.51 24.99 8.59
C THR A 164 17.68 24.24 9.22
N GLN A 165 17.72 22.95 8.95
CA GLN A 165 18.85 22.11 9.29
C GLN A 165 19.62 21.76 8.02
N THR A 166 20.93 21.75 8.13
CA THR A 166 21.83 21.51 6.99
C THR A 166 22.64 20.30 7.31
N LEU A 167 22.48 19.25 6.52
CA LEU A 167 23.12 17.95 6.78
C LEU A 167 24.03 17.57 5.65
N LYS A 168 25.06 16.83 6.02
CA LYS A 168 25.87 16.08 5.05
C LYS A 168 24.95 15.12 4.30
N GLN A 169 25.22 15.04 3.02
CA GLN A 169 24.63 14.03 2.12
C GLN A 169 25.80 13.26 1.51
N SER A 170 25.76 11.95 1.62
CA SER A 170 26.81 11.08 1.03
C SER A 170 26.38 10.60 -0.35
N SER A 171 27.34 10.14 -1.13
CA SER A 171 27.13 9.83 -2.57
C SER A 171 26.06 8.74 -2.70
N GLN A 172 26.01 7.76 -1.80
CA GLN A 172 25.09 6.61 -1.90
C GLN A 172 23.85 6.83 -1.05
N GLU A 173 23.72 7.99 -0.42
CA GLU A 173 22.63 8.21 0.55
C GLU A 173 21.36 8.56 -0.22
N ASN A 174 20.29 7.84 0.09
CA ASN A 174 18.99 8.04 -0.56
C ASN A 174 17.99 8.43 0.50
N TYR A 175 16.88 8.96 0.06
CA TYR A 175 15.92 9.58 0.99
C TYR A 175 14.52 9.23 0.52
N PHE A 176 13.69 8.89 1.51
CA PHE A 176 12.28 8.55 1.33
C PHE A 176 11.47 9.35 2.34
N GLY A 177 10.18 9.40 2.02
CA GLY A 177 9.17 9.93 2.94
C GLY A 177 8.55 11.16 2.38
N GLY A 178 8.14 12.03 3.29
CA GLY A 178 7.45 13.26 2.91
C GLY A 178 5.95 13.09 2.77
N GLY A 179 5.40 11.88 2.92
CA GLY A 179 3.98 11.60 2.74
C GLY A 179 3.71 11.29 1.30
N THR A 180 2.51 11.60 0.85
CA THR A 180 2.04 11.29 -0.49
C THR A 180 2.58 12.37 -1.43
N GLN A 181 3.77 12.11 -2.01
CA GLN A 181 4.54 13.02 -2.88
C GLN A 181 4.19 12.65 -4.30
N ASN A 182 3.13 13.20 -4.81
CA ASN A 182 2.47 12.72 -6.02
C ASN A 182 3.52 12.56 -7.12
N GLY A 183 3.61 11.35 -7.66
CA GLY A 183 4.51 11.03 -8.76
C GLY A 183 5.87 10.56 -8.33
N ARG A 184 6.15 10.58 -7.04
CA ARG A 184 7.54 10.45 -6.55
C ARG A 184 7.63 9.58 -5.33
N PHE A 185 8.77 8.92 -5.21
CA PHE A 185 9.06 8.12 -4.00
C PHE A 185 10.51 8.25 -3.55
N THR A 186 11.47 8.47 -4.45
CA THR A 186 12.89 8.48 -4.08
C THR A 186 13.48 9.86 -4.33
N HIS A 187 13.93 10.48 -3.27
CA HIS A 187 14.04 11.95 -3.30
C HIS A 187 15.47 12.46 -3.41
N LYS A 188 16.49 11.62 -3.49
CA LYS A 188 17.85 12.17 -3.62
C LYS A 188 17.93 13.06 -4.85
N GLY A 189 18.57 14.21 -4.72
CA GLY A 189 18.82 15.13 -5.84
C GLY A 189 17.61 15.95 -6.17
N THR A 190 16.60 15.90 -5.32
CA THR A 190 15.35 16.66 -5.52
C THR A 190 14.98 17.37 -4.26
N ALA A 191 14.10 18.33 -4.40
CA ALA A 191 13.42 18.90 -3.23
C ALA A 191 12.00 18.41 -3.22
N ILE A 192 11.44 18.26 -2.03
CA ILE A 192 10.00 17.95 -1.85
C ILE A 192 9.40 18.99 -0.92
N GLN A 193 8.15 19.31 -1.20
CA GLN A 193 7.40 20.26 -0.36
C GLN A 193 6.61 19.45 0.66
N ILE A 194 6.80 19.78 1.93
CA ILE A 194 5.99 19.19 3.01
C ILE A 194 4.84 20.14 3.27
N VAL A 195 3.92 20.16 2.31
CA VAL A 195 2.89 21.20 2.26
C VAL A 195 1.57 20.53 1.92
N ASN A 196 0.51 21.03 2.52
CA ASN A 196 -0.86 20.63 2.24
C ASN A 196 -1.24 21.31 0.93
N THR A 197 -0.71 20.81 -0.18
CA THR A 197 -0.81 21.50 -1.48
C THR A 197 -2.23 21.49 -2.02
N ASN A 198 -3.03 20.52 -1.61
CA ASN A 198 -4.38 20.36 -2.20
C ASN A 198 -4.25 20.22 -3.71
N ASN A 199 -3.16 19.60 -4.15
CA ASN A 199 -2.86 19.32 -5.56
C ASN A 199 -2.75 17.80 -5.67
N TRP A 200 -3.65 17.21 -6.44
CA TRP A 200 -3.85 15.73 -6.53
C TRP A 200 -3.11 15.14 -7.71
N VAL A 201 -2.44 15.95 -8.54
CA VAL A 201 -1.80 15.39 -9.73
C VAL A 201 -0.29 15.36 -9.57
N ASP A 202 0.34 14.70 -10.52
CA ASP A 202 1.81 14.58 -10.50
C ASP A 202 2.45 15.90 -10.06
N GLY A 203 3.41 15.79 -9.17
CA GLY A 203 4.20 16.96 -8.73
C GLY A 203 3.57 17.67 -7.55
N GLY A 204 2.31 17.36 -7.22
CA GLY A 204 1.69 17.90 -6.00
C GLY A 204 1.95 17.01 -4.79
N VAL A 205 1.26 17.32 -3.72
CA VAL A 205 1.33 16.57 -2.44
C VAL A 205 -0.09 16.37 -1.94
N ALA A 206 -0.64 15.21 -2.13
CA ALA A 206 -2.03 14.96 -1.69
C ALA A 206 -2.08 14.86 -0.17
N SER A 207 -1.01 14.46 0.52
CA SER A 207 -1.05 14.24 1.98
C SER A 207 0.36 14.33 2.50
N PRO A 208 0.77 15.50 2.93
CA PRO A 208 2.16 15.67 3.34
C PRO A 208 2.40 14.99 4.69
N ASN A 209 3.67 14.83 4.96
CA ASN A 209 4.10 14.27 6.25
C ASN A 209 5.50 14.76 6.52
N PRO A 210 5.73 15.42 7.66
CA PRO A 210 7.06 15.91 8.03
C PRO A 210 7.92 14.80 8.61
N PHE A 211 8.04 13.78 7.82
CA PHE A 211 8.81 12.59 8.15
C PHE A 211 9.61 12.26 6.90
N TYR A 212 10.90 12.13 7.07
CA TYR A 212 11.71 11.57 5.99
C TYR A 212 12.72 10.67 6.66
N TRP A 213 13.26 9.79 5.85
CA TRP A 213 14.35 8.95 6.33
C TRP A 213 15.39 8.75 5.25
N SER A 214 16.58 8.47 5.76
CA SER A 214 17.81 8.35 4.98
C SER A 214 18.24 6.91 5.02
N THR A 215 18.71 6.43 3.90
CA THR A 215 19.24 5.07 3.81
C THR A 215 20.56 4.99 4.56
N ALA A 216 21.09 6.09 5.02
CA ALA A 216 22.22 6.07 5.97
C ALA A 216 21.74 5.42 7.27
N GLY A 217 20.44 5.42 7.58
CA GLY A 217 19.89 4.74 8.78
C GLY A 217 19.34 5.68 9.81
N TYR A 218 18.64 6.71 9.39
CA TYR A 218 18.02 7.65 10.33
C TYR A 218 16.69 8.06 9.72
N GLY A 219 15.78 8.41 10.61
CA GLY A 219 14.50 9.04 10.27
C GLY A 219 14.35 10.27 11.15
N VAL A 220 13.64 11.23 10.62
CA VAL A 220 13.41 12.49 11.34
C VAL A 220 11.94 12.80 11.19
N VAL A 221 11.29 13.04 12.31
CA VAL A 221 9.93 13.62 12.33
C VAL A 221 10.10 15.02 12.87
N ARG A 222 9.78 16.00 12.05
CA ARG A 222 9.80 17.38 12.50
C ARG A 222 8.54 17.56 13.30
N ASN A 223 8.68 17.91 14.58
CA ASN A 223 7.54 17.92 15.51
C ASN A 223 6.87 19.28 15.39
N THR A 224 6.19 19.47 14.27
CA THR A 224 5.65 20.77 13.85
C THR A 224 4.38 20.51 13.06
N TRP A 225 3.48 21.44 13.10
CA TRP A 225 2.29 21.44 12.23
C TRP A 225 2.52 22.38 11.06
N LYS A 226 3.70 22.96 10.90
CA LYS A 226 3.97 23.99 9.87
C LYS A 226 4.51 23.35 8.60
N PRO A 227 4.21 23.94 7.44
CA PRO A 227 4.75 23.44 6.20
C PRO A 227 6.27 23.53 6.12
N GLY A 228 6.86 22.70 5.28
CA GLY A 228 8.30 22.72 5.08
C GLY A 228 8.69 22.34 3.68
N ASN A 229 9.99 22.23 3.48
CA ASN A 229 10.61 21.94 2.18
C ASN A 229 11.87 21.19 2.53
N TYR A 230 12.03 19.99 2.00
CA TYR A 230 13.26 19.19 2.23
C TYR A 230 13.97 19.16 0.90
N ASP A 231 15.19 19.68 0.86
N ASP A 231 15.21 19.63 0.89
CA ASP A 231 16.02 19.69 -0.37
CA ASP A 231 16.05 19.70 -0.33
C ASP A 231 17.12 18.66 -0.19
C ASP A 231 17.14 18.66 -0.17
N PHE A 232 17.00 17.56 -0.89
CA PHE A 232 17.95 16.45 -0.76
C PHE A 232 19.06 16.65 -1.77
N GLY A 233 19.76 17.80 -1.73
CA GLY A 233 20.93 18.02 -2.59
C GLY A 233 20.55 18.24 -4.03
N SER A 234 19.58 19.10 -4.33
CA SER A 234 19.04 19.25 -5.71
C SER A 234 20.04 19.93 -6.64
N HIS A 235 20.90 20.79 -6.13
CA HIS A 235 22.00 21.42 -6.90
C HIS A 235 23.37 21.04 -6.30
N ASP A 236 23.48 21.09 -4.98
CA ASP A 236 24.71 20.72 -4.26
C ASP A 236 24.55 19.34 -3.67
N PRO A 237 25.12 18.30 -4.32
CA PRO A 237 24.76 16.92 -3.97
C PRO A 237 25.30 16.49 -2.60
N GLN A 238 26.18 17.27 -1.97
CA GLN A 238 26.77 16.89 -0.67
C GLN A 238 26.00 17.53 0.49
N THR A 239 24.89 18.19 0.22
CA THR A 239 24.12 18.91 1.26
C THR A 239 22.64 18.57 1.17
N THR A 240 22.03 18.24 2.30
CA THR A 240 20.57 18.12 2.44
C THR A 240 20.14 19.21 3.41
N THR A 241 19.10 19.93 3.05
CA THR A 241 18.55 20.95 3.95
C THR A 241 17.11 20.58 4.24
N THR A 242 16.69 20.75 5.48
CA THR A 242 15.27 20.56 5.84
C THR A 242 14.82 21.86 6.48
N THR A 243 13.72 22.37 5.97
CA THR A 243 13.19 23.67 6.38
C THR A 243 11.73 23.47 6.75
N HIS A 244 11.31 24.05 7.86
CA HIS A 244 9.89 24.25 8.18
C HIS A 244 9.73 25.70 8.53
N GLU A 245 8.59 26.23 8.16
CA GLU A 245 8.24 27.57 8.65
C GLU A 245 8.22 27.50 10.18
N GLY A 246 8.58 28.62 10.80
CA GLY A 246 8.52 28.70 12.26
C GLY A 246 9.82 29.16 12.83
N THR A 247 9.82 29.30 14.14
CA THR A 247 10.86 29.92 14.96
C THR A 247 11.39 28.88 15.94
N ASP A 248 10.88 27.66 15.83
CA ASP A 248 11.05 26.52 16.75
C ASP A 248 11.82 25.48 15.95
N PHE A 249 12.75 24.76 16.56
CA PHE A 249 13.30 23.55 15.93
C PHE A 249 13.08 22.40 16.88
N ASP A 250 12.17 21.50 16.50
CA ASP A 250 11.78 20.37 17.37
C ASP A 250 11.72 19.16 16.46
N ALA A 251 12.53 18.17 16.74
CA ALA A 251 12.61 16.99 15.85
C ALA A 251 12.91 15.78 16.70
N PHE A 252 12.31 14.68 16.27
CA PHE A 252 12.62 13.33 16.75
C PHE A 252 13.54 12.69 15.74
N TYR A 253 14.69 12.25 16.21
CA TYR A 253 15.70 11.58 15.38
C TYR A 253 15.74 10.14 15.82
N PHE A 254 15.57 9.23 14.90
CA PHE A 254 15.66 7.80 15.23
C PHE A 254 16.61 7.14 14.26
N PHE A 255 17.36 6.21 14.82
CA PHE A 255 18.47 5.54 14.12
C PHE A 255 18.18 4.08 14.13
N ASN A 256 18.25 3.50 12.96
CA ASN A 256 17.86 2.10 12.84
C ASN A 256 18.57 1.55 11.63
N ASP A 257 18.86 0.28 11.68
CA ASP A 257 19.66 -0.35 10.63
C ASP A 257 18.76 -1.08 9.65
N SER A 258 17.44 -0.99 9.76
CA SER A 258 16.56 -1.55 8.73
C SER A 258 15.44 -0.55 8.44
N SER A 259 14.89 -0.60 7.24
N SER A 259 14.89 -0.62 7.23
CA SER A 259 13.72 0.21 6.85
CA SER A 259 13.71 0.16 6.82
C SER A 259 12.52 -0.16 7.73
C SER A 259 12.52 -0.16 7.72
N ALA A 260 12.29 -1.43 8.02
CA ALA A 260 11.20 -1.84 8.93
C ALA A 260 11.40 -1.22 10.30
N GLY A 261 12.64 -1.16 10.77
CA GLY A 261 12.91 -0.57 12.09
C GLY A 261 12.66 0.91 12.05
N ILE A 262 13.07 1.60 10.99
CA ILE A 262 12.79 3.05 10.87
C ILE A 262 11.27 3.24 10.95
N LEU A 263 10.51 2.46 10.19
CA LEU A 263 9.05 2.62 10.19
C LEU A 263 8.47 2.26 11.54
N LYS A 264 8.95 1.20 12.17
CA LYS A 264 8.45 0.82 13.52
C LYS A 264 8.71 1.94 14.51
N ASP A 265 9.84 2.62 14.37
CA ASP A 265 10.15 3.78 15.23
C ASP A 265 9.14 4.87 14.98
N TYR A 266 8.89 5.18 13.71
CA TYR A 266 7.89 6.19 13.33
C TYR A 266 6.52 5.78 13.89
N TYR A 267 6.15 4.52 13.80
CA TYR A 267 4.85 4.03 14.32
C TYR A 267 4.80 4.01 15.85
N GLU A 268 5.87 3.65 16.52
CA GLU A 268 5.82 3.68 17.99
C GLU A 268 5.60 5.12 18.42
N LEU A 269 6.25 6.05 17.74
CA LEU A 269 6.18 7.49 18.06
C LEU A 269 4.82 8.05 17.70
N THR A 270 4.38 7.87 16.47
CA THR A 270 3.19 8.58 15.92
C THR A 270 1.96 7.69 15.81
N GLY A 271 2.09 6.39 16.03
CA GLY A 271 0.94 5.46 16.08
C GLY A 271 1.05 4.42 15.00
N LYS A 272 0.80 3.20 15.41
CA LYS A 272 0.77 2.10 14.45
C LYS A 272 -0.40 2.33 13.51
N PRO A 273 -0.22 1.99 12.24
CA PRO A 273 -1.32 2.04 11.31
C PRO A 273 -2.51 1.23 11.84
N ALA A 274 -3.68 1.81 11.67
CA ALA A 274 -4.95 1.06 11.80
C ALA A 274 -4.89 -0.10 10.86
N LEU A 275 -5.51 -1.20 11.26
CA LEU A 275 -5.70 -2.36 10.40
C LEU A 275 -7.10 -2.24 9.81
N MET A 276 -7.17 -2.11 8.50
CA MET A 276 -8.51 -1.99 7.92
C MET A 276 -9.32 -3.23 8.30
N PRO A 277 -10.64 -3.11 8.47
CA PRO A 277 -11.50 -4.27 8.51
C PRO A 277 -11.37 -4.96 7.16
N GLU A 278 -11.70 -6.23 7.14
CA GLU A 278 -11.50 -7.02 5.92
C GLU A 278 -12.25 -6.36 4.76
N TYR A 279 -13.45 -5.88 4.99
CA TYR A 279 -14.25 -5.34 3.86
C TYR A 279 -13.55 -4.16 3.18
N GLY A 280 -12.70 -3.43 3.91
CA GLY A 280 -12.03 -2.23 3.38
C GLY A 280 -11.09 -2.54 2.23
N PHE A 281 -10.63 -3.77 2.13
CA PHE A 281 -9.72 -4.20 1.05
C PHE A 281 -10.49 -4.43 -0.24
N TYR A 282 -11.81 -4.52 -0.15
CA TYR A 282 -12.68 -4.77 -1.31
C TYR A 282 -13.06 -3.45 -1.93
N GLU A 283 -13.21 -3.42 -3.23
CA GLU A 283 -13.58 -2.18 -3.89
C GLU A 283 -14.90 -1.71 -3.28
N ALA A 284 -14.97 -0.40 -3.23
CA ALA A 284 -16.16 0.34 -2.80
C ALA A 284 -16.78 1.02 -4.00
N HIS A 285 -18.05 1.36 -3.83
CA HIS A 285 -18.75 2.22 -4.78
C HIS A 285 -19.14 3.47 -4.03
N LEU A 286 -18.82 4.60 -4.63
CA LEU A 286 -19.02 5.91 -4.00
C LEU A 286 -19.75 6.78 -5.01
N ASN A 287 -20.86 7.36 -4.57
CA ASN A 287 -21.57 8.36 -5.37
C ASN A 287 -22.64 8.93 -4.46
N ALA A 288 -23.46 9.75 -5.06
CA ALA A 288 -24.61 10.34 -4.36
C ALA A 288 -25.87 9.82 -5.01
N TYR A 289 -26.82 9.37 -4.21
CA TYR A 289 -28.11 8.83 -4.69
C TYR A 289 -29.29 9.54 -4.05
N ASN A 290 -29.06 10.71 -3.50
CA ASN A 290 -30.13 11.38 -2.72
C ASN A 290 -30.59 12.68 -3.38
N ARG A 291 -29.92 13.11 -4.45
N ARG A 291 -29.92 13.11 -4.46
CA ARG A 291 -29.99 14.52 -4.89
CA ARG A 291 -29.93 14.53 -4.89
C ARG A 291 -30.37 14.68 -6.36
C ARG A 291 -30.34 14.68 -6.35
N ASP A 292 -29.80 13.88 -7.25
CA ASP A 292 -29.86 14.23 -8.68
C ASP A 292 -31.04 13.55 -9.33
N TYR A 293 -31.23 13.92 -10.58
CA TYR A 293 -32.36 13.45 -11.40
C TYR A 293 -31.80 12.80 -12.65
N TRP A 294 -32.53 11.82 -13.14
CA TRP A 294 -32.25 11.23 -14.45
C TRP A 294 -33.36 11.59 -15.41
N VAL A 295 -32.93 12.11 -16.55
CA VAL A 295 -33.83 12.56 -17.62
C VAL A 295 -33.70 11.60 -18.79
N LYS A 296 -34.84 11.10 -19.29
CA LYS A 296 -34.82 10.19 -20.45
C LYS A 296 -34.34 10.97 -21.67
N VAL A 297 -33.31 10.48 -22.34
CA VAL A 297 -32.68 11.15 -23.50
C VAL A 297 -32.47 10.14 -24.60
N ALA A 298 -32.08 10.66 -25.76
CA ALA A 298 -31.69 9.79 -26.89
C ALA A 298 -30.38 9.09 -26.57
N GLU A 299 -30.31 7.85 -27.02
CA GLU A 299 -29.03 7.14 -27.14
C GLU A 299 -28.06 8.08 -27.86
N GLY A 300 -26.86 8.25 -27.34
CA GLY A 300 -25.83 9.05 -28.03
C GLY A 300 -25.82 10.47 -27.53
N THR A 301 -26.80 10.84 -26.71
CA THR A 301 -26.78 12.14 -25.99
C THR A 301 -25.53 12.16 -25.12
N ALA A 302 -24.83 13.28 -25.10
CA ALA A 302 -23.63 13.47 -24.24
C ALA A 302 -24.02 13.14 -22.80
N GLY A 303 -23.35 12.17 -22.18
CA GLY A 303 -23.57 11.80 -20.76
C GLY A 303 -24.70 10.80 -20.58
N ALA A 304 -25.34 10.33 -21.63
CA ALA A 304 -26.36 9.29 -21.54
C ALA A 304 -25.81 7.98 -20.98
N VAL A 305 -26.62 7.34 -20.15
CA VAL A 305 -26.34 6.03 -19.51
C VAL A 305 -27.57 5.17 -19.74
N LYS A 306 -27.36 3.97 -20.22
CA LYS A 306 -28.44 2.99 -20.39
C LYS A 306 -28.78 2.34 -19.05
N PHE A 307 -30.08 2.19 -18.76
CA PHE A 307 -30.57 1.56 -17.50
C PHE A 307 -31.33 0.28 -17.83
N GLU A 308 -31.78 -0.41 -16.79
CA GLU A 308 -32.32 -1.79 -16.93
C GLU A 308 -33.68 -1.73 -17.63
N ASP A 309 -34.34 -0.59 -17.70
CA ASP A 309 -35.62 -0.51 -18.47
C ASP A 309 -35.32 -0.45 -19.98
N GLY A 310 -34.06 -0.42 -20.39
CA GLY A 310 -33.66 -0.35 -21.80
C GLY A 310 -33.62 1.06 -22.35
N ASN A 311 -33.87 2.07 -21.51
CA ASN A 311 -33.85 3.49 -21.91
C ASN A 311 -32.52 4.12 -21.51
N PHE A 312 -32.25 5.26 -22.12
CA PHE A 312 -31.05 6.08 -21.92
C PHE A 312 -31.47 7.29 -21.10
N TYR A 313 -30.69 7.56 -20.04
CA TYR A 313 -30.97 8.70 -19.17
C TYR A 313 -29.70 9.51 -19.04
N LYS A 314 -29.89 10.78 -18.79
CA LYS A 314 -28.79 11.69 -18.53
C LYS A 314 -29.03 12.31 -17.17
N GLU A 315 -27.96 12.42 -16.40
CA GLU A 315 -28.04 12.81 -14.99
C GLU A 315 -27.95 14.33 -14.92
N TYR A 316 -28.81 14.91 -14.13
CA TYR A 316 -28.85 16.36 -13.91
C TYR A 316 -28.84 16.64 -12.43
N GLN A 317 -28.03 17.62 -12.06
CA GLN A 317 -28.16 18.28 -10.75
C GLN A 317 -29.48 19.01 -10.75
N PRO A 318 -30.14 19.15 -9.59
CA PRO A 318 -31.44 19.79 -9.55
C PRO A 318 -31.41 21.17 -10.19
N GLY A 319 -30.34 21.94 -9.98
CA GLY A 319 -30.25 23.31 -10.52
C GLY A 319 -29.91 23.35 -12.00
N ASP A 320 -29.59 22.22 -12.63
CA ASP A 320 -29.33 22.16 -14.09
C ASP A 320 -30.54 21.58 -14.83
N LEU A 321 -31.58 21.15 -14.11
CA LEU A 321 -32.75 20.49 -14.75
C LEU A 321 -33.39 21.48 -15.72
N GLY A 322 -33.41 22.77 -15.35
CA GLY A 322 -34.16 23.81 -16.08
C GLY A 322 -35.61 23.39 -16.22
N ASN A 323 -36.13 23.36 -17.45
CA ASN A 323 -37.54 22.97 -17.71
C ASN A 323 -37.64 21.45 -17.85
N LEU A 324 -36.52 20.72 -17.81
CA LEU A 324 -36.59 19.24 -17.94
C LEU A 324 -37.21 18.64 -16.68
N ASN A 325 -37.84 17.51 -16.93
CA ASN A 325 -38.44 16.64 -15.90
C ASN A 325 -37.68 15.32 -15.93
N GLY A 326 -37.43 14.82 -14.76
CA GLY A 326 -36.64 13.61 -14.58
C GLY A 326 -37.11 12.94 -13.34
N THR A 327 -36.48 11.85 -13.06
CA THR A 327 -36.79 11.02 -11.90
C THR A 327 -35.73 11.29 -10.84
N LEU A 328 -36.20 11.66 -9.68
CA LEU A 328 -35.31 11.92 -8.53
C LEU A 328 -34.76 10.60 -8.03
N GLU A 329 -33.47 10.60 -7.77
CA GLU A 329 -32.79 9.46 -7.13
C GLU A 329 -33.20 9.37 -5.68
N SER A 330 -33.13 8.17 -5.13
CA SER A 330 -33.13 8.03 -3.67
C SER A 330 -32.21 6.87 -3.32
N LEU A 331 -31.87 6.70 -2.06
CA LEU A 331 -30.99 5.59 -1.68
C LEU A 331 -31.73 4.27 -1.92
N ASN A 332 -33.00 4.20 -1.50
CA ASN A 332 -33.68 2.90 -1.39
C ASN A 332 -34.59 2.63 -2.57
N GLY A 333 -34.72 3.56 -3.51
CA GLY A 333 -35.52 3.36 -4.72
C GLY A 333 -36.97 3.07 -4.43
N GLU A 334 -37.50 3.79 -3.44
CA GLU A 334 -38.88 3.59 -2.93
C GLU A 334 -39.85 4.52 -3.64
N LYS A 335 -39.38 5.35 -4.58
CA LYS A 335 -40.15 6.50 -5.14
C LYS A 335 -40.29 6.31 -6.66
N GLU A 336 -40.67 5.11 -7.11
N GLU A 336 -40.67 5.11 -7.11
CA GLU A 336 -40.86 4.82 -8.55
CA GLU A 336 -40.87 4.81 -8.55
C GLU A 336 -39.57 5.17 -9.30
C GLU A 336 -39.58 5.16 -9.29
N ASN A 337 -38.44 4.82 -8.70
CA ASN A 337 -37.12 5.29 -9.15
C ASN A 337 -36.10 4.21 -8.87
N TYR A 338 -36.50 2.96 -8.76
CA TYR A 338 -35.60 1.97 -8.15
C TYR A 338 -34.29 1.90 -8.95
N GLN A 339 -34.35 1.93 -10.27
CA GLN A 339 -33.14 1.73 -11.09
C GLN A 339 -32.14 2.86 -10.90
N PHE A 340 -32.60 3.99 -10.37
CA PHE A 340 -31.70 5.14 -10.17
C PHE A 340 -31.18 5.18 -8.74
N SER A 341 -31.50 4.17 -7.95
CA SER A 341 -31.22 4.15 -6.50
C SER A 341 -29.82 3.62 -6.20
N ALA A 342 -29.39 3.82 -4.97
CA ALA A 342 -28.15 3.22 -4.43
C ALA A 342 -28.36 1.71 -4.32
N ARG A 343 -29.54 1.26 -3.91
CA ARG A 343 -29.81 -0.20 -3.84
C ARG A 343 -29.58 -0.80 -5.20
N ALA A 344 -30.06 -0.16 -6.27
CA ALA A 344 -29.91 -0.68 -7.64
C ALA A 344 -28.45 -0.85 -7.98
N VAL A 345 -27.56 -0.03 -7.44
CA VAL A 345 -26.11 -0.17 -7.74
C VAL A 345 -25.58 -1.42 -7.04
N ILE A 346 -25.98 -1.64 -5.80
CA ILE A 346 -25.61 -2.88 -5.12
C ILE A 346 -26.08 -4.04 -5.96
N ASP A 347 -27.33 -3.96 -6.43
CA ASP A 347 -27.88 -5.06 -7.22
C ASP A 347 -27.07 -5.25 -8.50
N ARG A 348 -26.56 -4.19 -9.15
CA ARG A 348 -25.75 -4.29 -10.38
C ARG A 348 -24.41 -4.92 -10.05
N TYR A 349 -23.75 -4.58 -8.96
CA TYR A 349 -22.48 -5.25 -8.63
C TYR A 349 -22.76 -6.73 -8.41
N LYS A 350 -23.89 -7.07 -7.77
CA LYS A 350 -24.25 -8.47 -7.54
C LYS A 350 -24.54 -9.14 -8.87
N LYS A 351 -25.34 -8.52 -9.71
CA LYS A 351 -25.69 -9.11 -11.02
C LYS A 351 -24.43 -9.32 -11.85
N ASN A 352 -23.47 -8.40 -11.78
CA ASN A 352 -22.21 -8.49 -12.56
C ASN A 352 -21.18 -9.33 -11.79
N ASP A 353 -21.59 -9.96 -10.68
CA ASP A 353 -20.73 -10.87 -9.89
C ASP A 353 -19.40 -10.17 -9.61
N MET A 354 -19.48 -8.97 -9.09
CA MET A 354 -18.29 -8.16 -8.79
C MET A 354 -18.17 -8.00 -7.30
N PRO A 355 -16.96 -8.18 -6.75
CA PRO A 355 -16.78 -7.88 -5.35
C PRO A 355 -17.21 -6.45 -5.04
N LEU A 356 -17.77 -6.31 -3.86
CA LEU A 356 -18.19 -4.98 -3.37
C LEU A 356 -18.19 -5.08 -1.85
N GLY A 357 -17.28 -4.37 -1.24
CA GLY A 357 -17.18 -4.44 0.23
C GLY A 357 -18.01 -3.39 0.92
N TRP A 358 -18.12 -2.24 0.29
CA TRP A 358 -18.69 -1.08 1.02
C TRP A 358 -19.13 -0.07 0.00
N PHE A 359 -19.95 0.81 0.48
CA PHE A 359 -20.79 1.65 -0.39
C PHE A 359 -20.98 2.94 0.34
N LEU A 360 -20.64 4.05 -0.32
CA LEU A 360 -20.91 5.42 0.20
C LEU A 360 -21.97 6.01 -0.68
N PRO A 361 -23.17 6.25 -0.13
CA PRO A 361 -24.28 6.68 -0.96
C PRO A 361 -24.54 8.18 -0.89
N ASN A 362 -23.70 8.90 -0.17
CA ASN A 362 -23.87 10.36 0.03
C ASN A 362 -22.64 11.10 -0.46
N ASP A 363 -21.89 10.50 -1.36
CA ASP A 363 -20.65 11.12 -1.86
C ASP A 363 -20.96 12.08 -3.00
N GLY A 364 -21.22 13.32 -2.64
CA GLY A 364 -21.52 14.39 -3.59
C GLY A 364 -21.89 15.62 -2.82
N TYR A 365 -21.51 16.77 -3.36
CA TYR A 365 -21.70 18.06 -2.69
C TYR A 365 -23.19 18.27 -2.44
N GLY A 366 -23.49 18.54 -1.18
CA GLY A 366 -24.85 18.75 -0.66
C GLY A 366 -25.78 17.61 -0.92
N ALA A 367 -25.30 16.40 -1.19
CA ALA A 367 -26.23 15.34 -1.59
C ALA A 367 -27.09 14.84 -0.43
N GLY A 368 -26.50 14.52 0.72
CA GLY A 368 -27.29 14.03 1.85
C GLY A 368 -27.59 12.55 1.73
N TYR A 369 -28.28 12.00 2.72
CA TYR A 369 -28.68 10.57 2.70
C TYR A 369 -30.15 10.33 3.02
N GLY A 370 -30.95 11.39 3.09
CA GLY A 370 -32.39 11.19 3.17
C GLY A 370 -33.09 12.42 2.64
N GLN A 371 -34.38 12.28 2.37
CA GLN A 371 -35.19 13.33 1.75
C GLN A 371 -36.31 13.73 2.70
N THR A 372 -36.13 13.51 3.98
CA THR A 372 -37.15 13.79 4.99
C THR A 372 -36.93 15.21 5.47
N ASP A 373 -37.72 15.58 6.45
CA ASP A 373 -37.62 16.93 7.03
C ASP A 373 -36.80 16.90 8.29
N SER A 374 -36.04 15.85 8.52
CA SER A 374 -35.32 15.75 9.80
C SER A 374 -34.03 14.95 9.64
N LEU A 375 -33.08 15.18 10.54
CA LEU A 375 -31.90 14.34 10.58
C LEU A 375 -32.37 12.94 10.92
N ASP A 376 -33.21 12.76 11.91
CA ASP A 376 -33.62 11.41 12.35
C ASP A 376 -34.36 10.71 11.21
N GLY A 377 -35.18 11.42 10.45
CA GLY A 377 -35.86 10.81 9.28
C GLY A 377 -34.83 10.38 8.27
N ASP A 378 -33.80 11.19 8.06
CA ASP A 378 -32.74 10.86 7.07
C ASP A 378 -31.92 9.70 7.58
N VAL A 379 -31.65 9.68 8.87
CA VAL A 379 -30.88 8.57 9.47
C VAL A 379 -31.70 7.28 9.35
N GLN A 380 -33.02 7.33 9.46
CA GLN A 380 -33.87 6.13 9.31
C GLN A 380 -33.83 5.68 7.84
N ASN A 381 -33.84 6.59 6.90
CA ASN A 381 -33.70 6.26 5.47
C ASN A 381 -32.36 5.59 5.23
N LEU A 382 -31.29 6.12 5.81
CA LEU A 382 -29.96 5.56 5.63
C LEU A 382 -29.91 4.20 6.33
N LYS A 383 -30.56 4.03 7.48
CA LYS A 383 -30.56 2.75 8.20
C LYS A 383 -31.20 1.70 7.32
N GLU A 384 -32.27 2.06 6.62
CA GLU A 384 -32.96 1.09 5.76
C GLU A 384 -32.06 0.76 4.59
N PHE A 385 -31.26 1.69 4.11
CA PHE A 385 -30.28 1.42 3.05
C PHE A 385 -29.22 0.48 3.60
N THR A 386 -28.77 0.73 4.81
CA THR A 386 -27.73 -0.09 5.43
C THR A 386 -28.26 -1.48 5.73
N ASP A 387 -29.51 -1.63 6.12
CA ASP A 387 -30.11 -2.94 6.31
C ASP A 387 -30.03 -3.69 4.99
N TYR A 388 -30.41 -3.03 3.90
CA TYR A 388 -30.39 -3.67 2.57
C TYR A 388 -28.96 -3.99 2.18
N ALA A 389 -28.05 -3.05 2.30
CA ALA A 389 -26.62 -3.26 1.96
C ALA A 389 -26.11 -4.44 2.79
N GLN A 390 -26.41 -4.48 4.06
CA GLN A 390 -25.85 -5.55 4.93
C GLN A 390 -26.48 -6.89 4.59
N ALA A 391 -27.76 -6.91 4.24
CA ALA A 391 -28.46 -8.14 3.79
C ALA A 391 -27.75 -8.67 2.55
N ASN A 392 -26.99 -7.82 1.85
CA ASN A 392 -26.26 -8.13 0.60
C ASN A 392 -24.77 -8.22 0.84
N GLY A 393 -24.35 -8.27 2.09
CA GLY A 393 -22.93 -8.42 2.45
C GLY A 393 -22.11 -7.19 2.18
N VAL A 394 -22.73 -6.02 2.13
CA VAL A 394 -22.03 -4.75 1.82
C VAL A 394 -22.18 -3.85 3.04
N GLU A 395 -21.07 -3.25 3.44
CA GLU A 395 -21.12 -2.27 4.52
C GLU A 395 -21.34 -0.89 3.94
N VAL A 396 -21.86 -0.03 4.77
CA VAL A 396 -22.12 1.35 4.33
C VAL A 396 -21.14 2.29 5.03
N GLY A 397 -20.57 3.17 4.26
CA GLY A 397 -19.79 4.31 4.76
C GLY A 397 -20.45 5.57 4.38
N LEU A 398 -19.98 6.66 4.95
CA LEU A 398 -20.43 7.97 4.53
C LEU A 398 -19.23 8.83 4.15
N TRP A 399 -19.48 9.67 3.17
CA TRP A 399 -18.60 10.80 2.82
C TRP A 399 -18.96 11.94 3.75
N THR A 400 -18.03 12.86 3.91
CA THR A 400 -18.35 14.12 4.61
C THR A 400 -17.63 15.24 3.90
N GLN A 401 -18.30 16.37 3.81
CA GLN A 401 -17.68 17.65 3.44
C GLN A 401 -17.69 18.59 4.63
N SER A 402 -17.97 18.08 5.84
CA SER A 402 -18.26 18.94 7.00
C SER A 402 -17.90 18.26 8.31
N ASN A 403 -17.94 19.05 9.35
CA ASN A 403 -17.94 18.52 10.72
C ASN A 403 -19.02 17.44 10.85
N LEU A 404 -18.83 16.50 11.77
CA LEU A 404 -19.70 15.30 11.82
C LEU A 404 -20.66 15.32 12.99
N HIS A 405 -20.84 16.45 13.62
CA HIS A 405 -21.72 16.52 14.79
C HIS A 405 -22.64 17.68 14.61
N PRO A 406 -23.89 17.56 15.11
CA PRO A 406 -24.82 18.67 15.07
C PRO A 406 -24.35 19.73 16.05
N ALA A 407 -24.78 20.93 15.81
CA ALA A 407 -24.57 22.04 16.75
C ALA A 407 -25.11 21.64 18.12
N ASP A 408 -26.30 21.06 18.17
CA ASP A 408 -26.89 20.47 19.39
C ASP A 408 -27.23 19.04 19.05
N PRO A 409 -26.44 18.03 19.49
CA PRO A 409 -26.71 16.65 19.14
C PRO A 409 -28.10 16.22 19.61
N LYS A 410 -28.61 16.79 20.70
CA LYS A 410 -29.95 16.45 21.26
C LYS A 410 -31.05 17.04 20.37
N ASN A 411 -30.76 18.03 19.52
CA ASN A 411 -31.77 18.68 18.62
C ASN A 411 -31.13 19.00 17.28
N PRO A 412 -30.90 17.97 16.48
CA PRO A 412 -30.26 18.18 15.19
C PRO A 412 -31.19 18.87 14.19
N LYS A 413 -30.60 19.56 13.22
CA LYS A 413 -31.35 20.13 12.09
C LYS A 413 -31.17 19.24 10.89
N LYS A 414 -32.20 19.21 10.06
CA LYS A 414 -32.12 18.61 8.72
C LYS A 414 -30.81 19.10 8.09
N GLY A 415 -30.05 18.23 7.48
CA GLY A 415 -28.84 18.63 6.74
C GLY A 415 -27.61 18.74 7.62
N GLU A 416 -27.75 18.68 8.93
CA GLU A 416 -26.58 18.54 9.80
C GLU A 416 -26.08 17.10 9.68
N ARG A 417 -24.93 16.82 10.25
CA ARG A 417 -24.37 15.46 10.29
C ARG A 417 -24.32 15.01 11.75
N ASP A 418 -24.50 13.72 11.99
CA ASP A 418 -24.39 13.18 13.36
C ASP A 418 -23.78 11.81 13.21
N ILE A 419 -22.48 11.77 13.14
CA ILE A 419 -21.78 10.51 12.94
C ILE A 419 -22.13 9.53 14.07
N ALA A 420 -22.46 10.00 15.26
CA ALA A 420 -22.82 9.07 16.36
C ALA A 420 -24.10 8.30 16.01
N LYS A 421 -25.12 8.98 15.50
CA LYS A 421 -26.40 8.36 15.09
C LYS A 421 -26.18 7.60 13.80
N GLU A 422 -25.38 8.15 12.89
CA GLU A 422 -25.11 7.44 11.63
C GLU A 422 -24.54 6.07 11.95
N VAL A 423 -23.60 6.04 12.89
CA VAL A 423 -23.02 4.79 13.39
C VAL A 423 -24.04 3.97 14.19
N SER A 424 -24.61 4.52 15.25
CA SER A 424 -25.36 3.66 16.23
C SER A 424 -26.74 3.32 15.71
N VAL A 425 -27.37 4.18 14.95
CA VAL A 425 -28.75 3.95 14.48
C VAL A 425 -28.72 3.38 13.06
N ALA A 426 -27.95 3.98 12.17
CA ALA A 426 -27.97 3.59 10.74
C ALA A 426 -26.95 2.50 10.46
N GLY A 427 -26.00 2.18 11.36
CA GLY A 427 -25.08 1.06 11.13
C GLY A 427 -23.95 1.42 10.18
N VAL A 428 -23.61 2.69 10.02
CA VAL A 428 -22.47 3.11 9.16
C VAL A 428 -21.16 2.64 9.81
N LYS A 429 -20.23 2.18 8.98
CA LYS A 429 -18.97 1.60 9.50
C LYS A 429 -17.74 2.31 8.93
N ALA A 430 -17.89 3.20 7.96
CA ALA A 430 -16.74 3.79 7.26
C ALA A 430 -17.00 5.24 6.95
N LEU A 431 -15.93 5.97 6.73
CA LEU A 431 -15.96 7.42 6.52
C LEU A 431 -14.94 7.83 5.47
N LYS A 432 -15.33 8.71 4.57
CA LYS A 432 -14.36 9.35 3.65
C LYS A 432 -14.41 10.84 3.89
N THR A 433 -13.24 11.46 4.01
CA THR A 433 -13.18 12.89 4.32
C THR A 433 -12.82 13.67 3.07
N ALA A 434 -13.77 14.38 2.51
CA ALA A 434 -13.50 15.25 1.35
C ALA A 434 -12.51 16.36 1.73
N VAL A 435 -11.77 16.87 0.75
CA VAL A 435 -10.93 18.07 0.97
C VAL A 435 -11.85 19.20 1.41
N ALA A 436 -13.10 19.21 0.97
CA ALA A 436 -14.04 20.25 1.41
C ALA A 436 -14.11 20.26 2.93
N TRP A 437 -13.91 19.14 3.62
CA TRP A 437 -13.84 19.15 5.10
C TRP A 437 -12.40 19.44 5.54
N VAL A 438 -11.45 18.65 5.09
CA VAL A 438 -10.12 18.60 5.77
C VAL A 438 -9.07 19.46 5.04
N GLY A 439 -9.50 20.28 4.09
CA GLY A 439 -8.64 21.05 3.18
C GLY A 439 -7.71 22.03 3.86
N TYR A 440 -7.96 22.40 5.10
CA TYR A 440 -7.06 23.30 5.82
C TYR A 440 -5.73 22.65 6.12
N GLY A 441 -5.71 21.33 6.21
CA GLY A 441 -4.45 20.59 6.40
C GLY A 441 -4.00 20.48 7.83
N TYR A 442 -2.86 19.83 7.98
CA TYR A 442 -2.01 19.93 9.17
C TYR A 442 -2.79 19.39 10.38
N SER A 443 -3.07 20.19 11.40
CA SER A 443 -3.70 19.68 12.61
C SER A 443 -5.18 19.38 12.39
N PHE A 444 -5.76 19.93 11.34
CA PHE A 444 -7.23 19.87 11.14
C PHE A 444 -7.67 18.43 10.89
N GLY A 445 -7.11 17.81 9.84
CA GLY A 445 -7.46 16.47 9.45
C GLY A 445 -7.26 15.50 10.59
N LEU A 446 -6.11 15.60 11.26
CA LEU A 446 -5.81 14.60 12.28
C LEU A 446 -6.86 14.67 13.39
N ASN A 447 -7.20 15.89 13.80
CA ASN A 447 -8.24 16.06 14.80
C ASN A 447 -9.54 15.43 14.34
N GLY A 448 -9.93 15.72 13.10
CA GLY A 448 -11.20 15.19 12.60
C GLY A 448 -11.23 13.70 12.53
N VAL A 449 -10.18 13.08 12.02
CA VAL A 449 -10.20 11.61 11.85
C VAL A 449 -10.03 10.94 13.22
N GLU A 450 -9.31 11.55 14.16
CA GLU A 450 -9.19 10.97 15.51
C GLU A 450 -10.57 10.96 16.16
N ASP A 451 -11.27 12.09 16.07
CA ASP A 451 -12.62 12.17 16.67
C ASP A 451 -13.53 11.14 15.99
N ALA A 452 -13.48 11.02 14.67
CA ALA A 452 -14.40 10.11 13.97
C ALA A 452 -14.09 8.68 14.38
N ALA A 453 -12.80 8.32 14.43
CA ALA A 453 -12.41 6.96 14.83
C ALA A 453 -12.94 6.66 16.24
N ASN A 454 -12.88 7.63 17.14
CA ASN A 454 -13.33 7.40 18.53
C ASN A 454 -14.85 7.18 18.52
N VAL A 455 -15.58 7.87 17.65
CA VAL A 455 -17.05 7.67 17.58
C VAL A 455 -17.38 6.26 17.10
N PHE A 456 -16.76 5.82 16.02
CA PHE A 456 -17.00 4.47 15.50
C PHE A 456 -16.87 3.50 16.66
N VAL A 457 -15.78 3.60 17.38
CA VAL A 457 -15.46 2.62 18.44
C VAL A 457 -16.40 2.80 19.63
N LYS A 458 -16.56 4.01 20.11
CA LYS A 458 -17.39 4.21 21.32
C LYS A 458 -18.85 3.78 21.05
N GLU A 459 -19.45 4.19 19.95
CA GLU A 459 -20.89 3.98 19.70
C GLU A 459 -21.20 2.52 19.47
N THR A 460 -20.19 1.71 19.15
CA THR A 460 -20.39 0.29 18.88
C THR A 460 -19.77 -0.57 19.98
N ASP A 461 -19.27 0.06 21.06
N ASP A 461 -19.26 0.08 21.04
CA ASP A 461 -18.55 -0.64 22.14
CA ASP A 461 -18.54 -0.62 22.14
C ASP A 461 -17.44 -1.51 21.51
C ASP A 461 -17.44 -1.51 21.51
N GLY A 462 -16.76 -0.98 20.50
CA GLY A 462 -15.63 -1.66 19.86
C GLY A 462 -16.04 -2.68 18.85
N ALA A 463 -17.33 -2.84 18.55
CA ALA A 463 -17.79 -3.84 17.58
C ALA A 463 -17.39 -3.42 16.15
N VAL A 464 -17.13 -2.15 15.93
CA VAL A 464 -16.70 -1.62 14.61
C VAL A 464 -15.37 -0.89 14.83
N ARG A 465 -14.32 -1.38 14.21
CA ARG A 465 -13.03 -0.64 14.11
C ARG A 465 -13.13 0.41 13.02
N PRO A 466 -12.32 1.48 13.10
CA PRO A 466 -12.38 2.51 12.09
C PRO A 466 -12.02 2.02 10.72
N MET A 467 -12.74 2.59 9.75
CA MET A 467 -12.44 2.47 8.31
C MET A 467 -12.57 3.86 7.73
N ILE A 468 -11.50 4.63 7.75
CA ILE A 468 -11.52 6.05 7.34
C ILE A 468 -10.56 6.21 6.18
N VAL A 469 -11.00 6.85 5.10
N VAL A 469 -11.01 6.87 5.12
CA VAL A 469 -10.12 7.22 3.96
CA VAL A 469 -10.13 7.23 3.98
C VAL A 469 -10.06 8.74 3.88
C VAL A 469 -10.07 8.74 3.93
N SER A 470 -8.85 9.27 3.97
CA SER A 470 -8.62 10.72 4.11
C SER A 470 -7.54 11.20 3.14
N LEU A 471 -7.12 12.43 3.32
CA LEU A 471 -5.95 13.01 2.63
C LEU A 471 -5.67 14.27 3.40
N ASP A 472 -4.74 15.07 2.94
CA ASP A 472 -4.37 16.26 3.74
C ASP A 472 -4.04 15.82 5.17
N GLY A 473 -3.27 14.77 5.26
CA GLY A 473 -2.87 14.20 6.52
C GLY A 473 -1.62 14.85 7.03
N TRP A 474 -1.00 14.19 7.96
CA TRP A 474 0.23 14.68 8.62
C TRP A 474 0.88 13.51 9.30
N ALA A 475 1.92 13.75 10.07
CA ALA A 475 2.48 12.70 10.92
C ALA A 475 1.38 12.22 11.89
N GLY A 476 1.19 10.91 11.95
CA GLY A 476 0.19 10.31 12.82
C GLY A 476 -1.06 9.81 12.12
N THR A 477 -1.37 10.34 10.95
CA THR A 477 -2.66 10.06 10.34
C THR A 477 -2.90 8.55 10.28
N GLN A 478 -1.84 7.82 10.01
CA GLN A 478 -1.98 6.39 9.70
C GLN A 478 -2.67 5.65 10.84
N ARG A 479 -2.63 6.15 12.05
CA ARG A 479 -3.19 5.38 13.18
C ARG A 479 -4.70 5.40 13.17
N HIS A 480 -5.31 6.28 12.39
CA HIS A 480 -6.77 6.37 12.25
C HIS A 480 -7.25 6.13 10.84
N ALA A 481 -6.48 6.48 9.82
CA ALA A 481 -7.07 6.61 8.47
C ALA A 481 -6.04 6.23 7.44
N GLY A 482 -6.52 5.70 6.33
CA GLY A 482 -5.74 5.59 5.11
C GLY A 482 -5.93 6.83 4.28
N ILE A 483 -5.25 6.88 3.14
CA ILE A 483 -5.41 8.04 2.26
C ILE A 483 -5.81 7.59 0.89
N TRP A 484 -6.56 8.43 0.22
CA TRP A 484 -6.66 8.35 -1.24
C TRP A 484 -6.02 9.60 -1.85
N THR A 485 -5.69 9.57 -3.13
CA THR A 485 -4.75 10.56 -3.68
C THR A 485 -5.47 11.78 -4.20
N GLY A 486 -6.81 11.78 -4.17
CA GLY A 486 -7.58 12.92 -4.63
C GLY A 486 -8.14 12.77 -6.04
N ASP A 487 -8.30 13.91 -6.74
CA ASP A 487 -9.06 13.96 -7.99
C ASP A 487 -8.11 14.08 -9.18
N GLN A 488 -8.18 13.09 -10.04
CA GLN A 488 -7.42 13.16 -11.30
C GLN A 488 -8.30 12.63 -12.40
N THR A 489 -7.76 12.77 -13.59
CA THR A 489 -8.44 12.34 -14.81
C THR A 489 -7.95 10.94 -15.17
N GLY A 490 -8.88 9.99 -15.24
CA GLY A 490 -8.61 8.66 -15.75
C GLY A 490 -8.70 8.64 -17.25
N GLY A 491 -8.71 7.45 -17.81
CA GLY A 491 -8.88 7.32 -19.26
C GLY A 491 -7.60 7.69 -19.98
N GLN A 492 -6.50 7.78 -19.27
CA GLN A 492 -5.22 8.17 -19.89
C GLN A 492 -4.08 7.61 -19.08
N TRP A 493 -3.00 7.31 -19.77
CA TRP A 493 -1.91 6.50 -19.19
C TRP A 493 -1.22 7.22 -18.05
N GLU A 494 -1.25 8.54 -18.08
CA GLU A 494 -0.60 9.33 -17.00
C GLU A 494 -1.27 8.98 -15.67
N TYR A 495 -2.58 8.62 -15.71
CA TYR A 495 -3.35 8.28 -14.49
C TYR A 495 -2.67 7.12 -13.76
N ILE A 496 -2.14 6.19 -14.54
CA ILE A 496 -1.46 5.04 -13.91
C ILE A 496 -0.03 5.44 -13.60
N ARG A 497 0.67 6.01 -14.58
CA ARG A 497 2.12 6.29 -14.47
C ARG A 497 2.40 7.04 -13.18
N PHE A 498 1.69 8.12 -12.90
CA PHE A 498 2.12 8.90 -11.74
C PHE A 498 1.68 8.24 -10.43
N HIS A 499 0.66 7.39 -10.48
CA HIS A 499 0.08 6.77 -9.26
C HIS A 499 1.03 5.75 -8.67
N ILE A 500 1.74 5.01 -9.50
CA ILE A 500 2.53 3.92 -8.94
C ILE A 500 3.55 4.47 -7.94
N PRO A 501 4.43 5.43 -8.31
CA PRO A 501 5.37 5.97 -7.34
C PRO A 501 4.66 6.66 -6.17
N THR A 502 3.52 7.27 -6.47
CA THR A 502 2.75 7.93 -5.42
C THR A 502 2.43 6.92 -4.29
N TYR A 503 1.95 5.73 -4.66
CA TYR A 503 1.59 4.68 -3.68
C TYR A 503 2.85 4.28 -2.93
N ILE A 504 3.91 4.05 -3.70
CA ILE A 504 5.17 3.57 -3.11
C ILE A 504 5.66 4.56 -2.08
N GLY A 505 5.67 5.84 -2.41
CA GLY A 505 6.19 6.86 -1.49
C GLY A 505 5.28 7.09 -0.30
N THR A 506 3.99 6.99 -0.52
CA THR A 506 3.02 7.04 0.58
C THR A 506 3.36 5.97 1.62
N SER A 507 3.57 4.77 1.12
CA SER A 507 3.82 3.63 2.00
C SER A 507 5.18 3.82 2.71
N LEU A 508 6.19 4.34 2.00
CA LEU A 508 7.51 4.61 2.63
C LEU A 508 7.41 5.68 3.71
N SER A 509 6.33 6.44 3.68
CA SER A 509 6.08 7.54 4.61
C SER A 509 5.29 7.01 5.83
N GLY A 510 5.14 5.71 5.99
CA GLY A 510 4.40 5.17 7.15
C GLY A 510 2.90 5.17 6.98
N GLN A 511 2.41 5.15 5.74
CA GLN A 511 0.97 5.08 5.50
C GLN A 511 0.76 3.90 4.58
N PRO A 512 0.49 2.72 5.16
CA PRO A 512 0.33 1.56 4.33
C PRO A 512 -1.04 1.47 3.68
N ASN A 513 -2.00 2.22 4.20
CA ASN A 513 -3.40 2.15 3.72
C ASN A 513 -3.57 3.25 2.68
N VAL A 514 -3.34 2.91 1.45
CA VAL A 514 -3.32 3.85 0.32
C VAL A 514 -4.29 3.34 -0.75
N GLY A 515 -4.92 4.26 -1.41
CA GLY A 515 -5.88 3.94 -2.44
C GLY A 515 -6.06 5.12 -3.34
N SER A 516 -6.95 4.94 -4.29
CA SER A 516 -7.27 5.99 -5.26
C SER A 516 -8.51 5.54 -5.98
N ASP A 517 -8.96 6.40 -6.83
CA ASP A 517 -10.14 6.16 -7.65
C ASP A 517 -9.76 5.18 -8.74
N MET A 518 -10.68 4.27 -8.97
CA MET A 518 -10.52 3.28 -10.05
C MET A 518 -10.76 4.03 -11.36
N ASP A 519 -9.70 4.24 -12.13
CA ASP A 519 -9.75 4.93 -13.43
C ASP A 519 -10.22 6.37 -13.25
N GLY A 520 -9.96 6.96 -12.10
CA GLY A 520 -10.13 8.39 -11.89
C GLY A 520 -11.56 8.79 -11.61
N ILE A 521 -11.66 9.92 -10.98
CA ILE A 521 -12.98 10.55 -10.80
C ILE A 521 -13.38 11.20 -12.13
N PHE A 522 -12.44 11.78 -12.86
CA PHE A 522 -12.76 12.44 -14.13
C PHE A 522 -12.37 11.55 -15.27
N GLY A 523 -12.87 11.90 -16.44
CA GLY A 523 -12.51 11.24 -17.69
C GLY A 523 -12.96 9.78 -17.70
N GLY A 524 -12.29 9.07 -18.57
CA GLY A 524 -12.62 7.67 -18.87
C GLY A 524 -12.60 7.46 -20.37
N LYS A 525 -13.47 6.59 -20.86
CA LYS A 525 -13.59 6.26 -22.29
C LYS A 525 -12.28 5.73 -22.86
N ASN A 526 -11.44 5.10 -22.02
CA ASN A 526 -10.23 4.41 -22.51
C ASN A 526 -10.25 3.02 -21.90
N LYS A 527 -10.72 2.08 -22.68
CA LYS A 527 -10.89 0.71 -22.18
C LYS A 527 -9.55 0.17 -21.65
N GLU A 528 -8.46 0.40 -22.36
CA GLU A 528 -7.16 -0.22 -22.02
C GLU A 528 -6.70 0.37 -20.69
N VAL A 529 -6.83 1.68 -20.51
CA VAL A 529 -6.42 2.27 -19.23
C VAL A 529 -7.29 1.71 -18.11
N ASN A 530 -8.58 1.57 -18.35
CA ASN A 530 -9.52 1.07 -17.33
C ASN A 530 -9.07 -0.32 -16.89
N ILE A 531 -8.83 -1.20 -17.84
CA ILE A 531 -8.45 -2.58 -17.54
C ILE A 531 -7.11 -2.55 -16.81
N ARG A 532 -6.17 -1.76 -17.29
CA ARG A 532 -4.84 -1.72 -16.66
C ARG A 532 -4.93 -1.17 -15.24
N ASP A 533 -5.88 -0.29 -14.95
CA ASP A 533 -5.98 0.26 -13.59
C ASP A 533 -6.56 -0.80 -12.65
N PHE A 534 -7.60 -1.50 -13.05
CA PHE A 534 -8.14 -2.59 -12.21
C PHE A 534 -7.08 -3.66 -12.03
N GLN A 535 -6.25 -3.88 -13.04
CA GLN A 535 -5.23 -4.91 -12.92
C GLN A 535 -4.27 -4.63 -11.79
N TRP A 536 -3.58 -3.50 -11.83
CA TRP A 536 -2.52 -3.32 -10.80
C TRP A 536 -3.16 -3.02 -9.46
N LYS A 537 -4.35 -2.42 -9.39
CA LYS A 537 -4.89 -2.05 -8.07
C LYS A 537 -5.46 -3.25 -7.33
N THR A 538 -5.51 -4.39 -7.98
CA THR A 538 -5.74 -5.67 -7.33
C THR A 538 -4.70 -5.83 -6.23
N PHE A 539 -3.48 -5.38 -6.50
CA PHE A 539 -2.32 -5.52 -5.58
C PHE A 539 -2.07 -4.20 -4.91
N THR A 540 -3.13 -3.65 -4.36
CA THR A 540 -3.04 -2.42 -3.59
C THR A 540 -4.11 -2.47 -2.52
N PRO A 541 -4.06 -1.59 -1.52
CA PRO A 541 -5.04 -1.73 -0.44
C PRO A 541 -6.47 -1.31 -0.79
N VAL A 542 -6.64 -0.08 -1.20
CA VAL A 542 -8.00 0.53 -1.27
C VAL A 542 -8.33 0.90 -2.69
N GLN A 543 -9.52 0.51 -3.11
CA GLN A 543 -10.00 0.74 -4.48
C GLN A 543 -11.35 1.41 -4.42
N LEU A 544 -11.43 2.58 -5.00
CA LEU A 544 -12.64 3.40 -4.87
C LEU A 544 -13.25 3.64 -6.24
N ASN A 545 -14.46 3.16 -6.47
CA ASN A 545 -15.18 3.48 -7.70
C ASN A 545 -15.90 4.78 -7.44
N MET A 546 -15.23 5.85 -7.81
CA MET A 546 -15.68 7.19 -7.43
C MET A 546 -16.50 7.69 -8.62
N ASP A 547 -17.79 7.45 -8.53
CA ASP A 547 -18.74 7.56 -9.65
C ASP A 547 -19.42 8.92 -9.62
N GLY A 548 -19.87 9.35 -10.80
CA GLY A 548 -20.73 10.51 -10.87
C GLY A 548 -20.11 11.68 -11.61
N TRP A 549 -18.81 11.71 -11.87
CA TRP A 549 -18.07 12.87 -12.40
C TRP A 549 -17.36 12.57 -13.70
N GLY A 550 -17.42 11.33 -14.15
CA GLY A 550 -16.52 10.94 -15.23
C GLY A 550 -17.16 11.01 -16.58
N SER A 551 -16.41 10.49 -17.56
CA SER A 551 -16.84 10.39 -18.98
C SER A 551 -17.80 9.20 -19.15
N ASN A 552 -17.83 8.33 -18.15
CA ASN A 552 -18.70 7.14 -18.07
C ASN A 552 -18.88 6.84 -16.59
N PRO A 553 -19.87 6.02 -16.21
CA PRO A 553 -19.99 5.55 -14.85
C PRO A 553 -18.67 4.91 -14.42
N LYS A 554 -18.41 4.98 -13.12
CA LYS A 554 -17.22 4.41 -12.51
C LYS A 554 -17.63 3.15 -11.80
N THR A 555 -17.54 2.05 -12.54
CA THR A 555 -17.73 0.70 -12.02
C THR A 555 -16.80 -0.18 -12.79
N PRO A 556 -16.59 -1.39 -12.31
CA PRO A 556 -15.81 -2.35 -13.07
C PRO A 556 -16.56 -2.88 -14.29
N PHE A 557 -17.82 -2.51 -14.51
CA PHE A 557 -18.63 -3.03 -15.63
C PHE A 557 -19.06 -1.91 -16.57
N ALA A 558 -18.31 -0.82 -16.59
CA ALA A 558 -18.68 0.37 -17.41
C ALA A 558 -18.26 0.23 -18.85
N PHE A 559 -17.40 -0.71 -19.17
CA PHE A 559 -16.85 -0.84 -20.54
C PHE A 559 -17.51 -2.06 -21.15
N ASP A 560 -16.82 -2.73 -22.05
CA ASP A 560 -17.43 -3.80 -22.82
C ASP A 560 -17.30 -5.08 -22.01
N GLN A 561 -17.80 -6.21 -22.50
N GLN A 561 -17.80 -6.16 -22.57
CA GLN A 561 -17.77 -7.46 -21.71
CA GLN A 561 -17.78 -7.48 -21.93
C GLN A 561 -16.31 -7.89 -21.54
C GLN A 561 -16.33 -7.85 -21.57
N GLU A 562 -15.43 -7.60 -22.50
CA GLU A 562 -14.01 -7.98 -22.38
C GLU A 562 -13.41 -7.27 -21.18
N ALA A 563 -13.63 -5.97 -21.10
CA ALA A 563 -13.09 -5.20 -19.96
C ALA A 563 -13.77 -5.70 -18.68
N THR A 564 -15.08 -5.88 -18.69
CA THR A 564 -15.81 -6.28 -17.47
C THR A 564 -15.30 -7.62 -16.93
N ASP A 565 -15.10 -8.56 -17.82
CA ASP A 565 -14.68 -9.90 -17.40
C ASP A 565 -13.26 -9.84 -16.88
N LEU A 566 -12.38 -9.04 -17.50
CA LEU A 566 -11.01 -8.84 -16.97
C LEU A 566 -11.07 -8.17 -15.61
N ASN A 567 -11.84 -7.09 -15.49
CA ASN A 567 -11.91 -6.42 -14.20
C ASN A 567 -12.41 -7.40 -13.15
N ARG A 568 -13.46 -8.15 -13.46
CA ARG A 568 -13.98 -9.14 -12.49
C ARG A 568 -12.87 -10.13 -12.12
N ALA A 569 -12.11 -10.59 -13.10
CA ALA A 569 -11.08 -11.61 -12.86
C ALA A 569 -10.02 -11.10 -11.89
N TYR A 570 -9.67 -9.82 -12.02
CA TYR A 570 -8.63 -9.24 -11.12
C TYR A 570 -9.26 -8.97 -9.78
N LEU A 571 -10.48 -8.47 -9.76
CA LEU A 571 -11.17 -8.26 -8.47
C LEU A 571 -11.40 -9.58 -7.72
N LYS A 572 -11.72 -10.63 -8.45
CA LYS A 572 -11.85 -11.94 -7.80
C LYS A 572 -10.51 -12.42 -7.29
N LEU A 573 -9.42 -12.16 -8.02
CA LEU A 573 -8.07 -12.54 -7.55
C LEU A 573 -7.76 -11.85 -6.22
N LYS A 574 -8.07 -10.58 -6.12
CA LYS A 574 -7.90 -9.91 -4.83
C LYS A 574 -8.71 -10.59 -3.73
N SER A 575 -9.96 -10.98 -4.02
CA SER A 575 -10.82 -11.62 -3.01
C SER A 575 -10.23 -12.96 -2.58
N MET A 576 -9.64 -13.67 -3.54
CA MET A 576 -9.01 -14.95 -3.20
C MET A 576 -7.73 -14.73 -2.42
N MET A 577 -7.06 -13.60 -2.63
CA MET A 577 -5.80 -13.30 -1.93
C MET A 577 -6.07 -12.68 -0.56
N MET A 578 -7.31 -12.61 -0.10
CA MET A 578 -7.56 -11.91 1.18
C MET A 578 -6.76 -12.45 2.35
N PRO A 579 -6.53 -13.75 2.55
CA PRO A 579 -5.71 -14.16 3.69
C PRO A 579 -4.27 -13.62 3.60
N TYR A 580 -3.69 -13.63 2.39
CA TYR A 580 -2.37 -13.02 2.16
C TYR A 580 -2.42 -11.52 2.44
N ASN A 581 -3.40 -10.90 1.83
CA ASN A 581 -3.51 -9.43 1.94
C ASN A 581 -3.71 -9.02 3.38
N TYR A 582 -4.56 -9.73 4.12
CA TYR A 582 -4.83 -9.40 5.52
C TYR A 582 -3.58 -9.65 6.37
N SER A 583 -2.83 -10.64 5.98
CA SER A 583 -1.57 -10.97 6.69
C SER A 583 -0.56 -9.85 6.46
N ILE A 584 -0.37 -9.39 5.23
CA ILE A 584 0.61 -8.27 5.01
C ILE A 584 0.02 -7.00 5.62
N ALA A 585 -1.30 -6.89 5.66
CA ALA A 585 -1.89 -5.71 6.32
C ALA A 585 -1.50 -5.77 7.81
N LYS A 586 -1.61 -6.93 8.43
CA LYS A 586 -1.24 -7.04 9.85
C LYS A 586 0.22 -6.67 9.98
N GLU A 587 1.07 -7.16 9.07
CA GLU A 587 2.50 -6.79 9.15
C GLU A 587 2.64 -5.28 9.12
N SER A 588 1.89 -4.60 8.26
CA SER A 588 2.06 -3.15 8.07
C SER A 588 1.65 -2.39 9.33
N VAL A 589 0.97 -3.01 10.28
CA VAL A 589 0.57 -2.35 11.54
C VAL A 589 1.84 -2.10 12.36
N ASP A 590 2.87 -2.89 12.17
CA ASP A 590 4.10 -2.66 12.94
C ASP A 590 5.27 -3.18 12.14
N GLY A 591 5.43 -2.67 10.92
CA GLY A 591 6.41 -3.27 10.02
C GLY A 591 6.28 -2.65 8.66
N LEU A 592 6.88 -3.31 7.70
CA LEU A 592 6.90 -2.83 6.32
C LEU A 592 5.47 -2.66 5.86
N PRO A 593 5.26 -1.67 5.00
CA PRO A 593 3.95 -1.43 4.44
C PRO A 593 3.58 -2.50 3.42
N MET A 594 2.36 -2.46 2.91
CA MET A 594 1.90 -3.49 1.96
C MET A 594 2.45 -3.27 0.56
N VAL A 595 2.37 -2.06 0.06
CA VAL A 595 3.07 -1.66 -1.18
C VAL A 595 4.51 -1.32 -0.80
N ARG A 596 5.46 -2.08 -1.28
CA ARG A 596 6.85 -1.95 -0.86
C ARG A 596 7.76 -1.51 -1.99
N ALA A 597 8.42 -0.39 -1.85
CA ALA A 597 9.49 0.00 -2.76
C ALA A 597 10.44 -1.18 -2.88
N MET A 598 11.03 -1.28 -4.03
CA MET A 598 11.94 -2.40 -4.27
C MET A 598 13.03 -2.38 -3.20
N ALA A 599 13.51 -1.20 -2.80
CA ALA A 599 14.63 -1.12 -1.84
C ALA A 599 14.24 -1.75 -0.51
N LEU A 600 12.96 -1.81 -0.15
CA LEU A 600 12.57 -2.41 1.15
C LEU A 600 12.89 -3.89 1.15
N GLU A 601 12.71 -4.53 0.00
CA GLU A 601 12.86 -6.00 -0.10
C GLU A 601 14.26 -6.32 -0.61
N PHE A 602 14.92 -5.39 -1.31
CA PHE A 602 16.22 -5.64 -1.96
C PHE A 602 17.16 -4.49 -1.63
N PRO A 603 17.49 -4.31 -0.34
CA PRO A 603 18.26 -3.16 0.08
C PRO A 603 19.72 -3.13 -0.41
N ASN A 604 20.22 -4.23 -0.94
CA ASN A 604 21.63 -4.29 -1.36
C ASN A 604 21.78 -4.06 -2.86
N GLU A 605 20.73 -3.62 -3.56
CA GLU A 605 20.83 -3.35 -5.01
C GLU A 605 20.54 -1.89 -5.30
N GLY A 606 21.45 -1.22 -5.97
CA GLY A 606 21.30 0.22 -6.18
C GLY A 606 20.07 0.51 -7.01
N THR A 607 19.77 -0.33 -7.98
CA THR A 607 18.61 -0.16 -8.89
C THR A 607 17.32 -0.03 -8.05
N ALA A 608 17.28 -0.65 -6.87
CA ALA A 608 16.05 -0.75 -6.06
C ALA A 608 15.68 0.61 -5.46
N TYR A 609 16.62 1.54 -5.48
CA TYR A 609 16.46 2.84 -4.81
C TYR A 609 16.14 3.96 -5.78
N THR A 610 16.39 3.80 -7.07
CA THR A 610 16.40 4.91 -8.05
C THR A 610 15.08 4.93 -8.81
N LYS A 611 14.94 5.81 -9.80
CA LYS A 611 13.71 5.82 -10.62
C LYS A 611 13.67 4.60 -11.50
N ASP A 612 14.71 3.78 -11.53
CA ASP A 612 14.59 2.46 -12.18
C ASP A 612 13.54 1.64 -11.42
N SER A 613 13.22 2.00 -10.19
CA SER A 613 12.20 1.28 -9.40
C SER A 613 10.90 2.09 -9.25
N GLN A 614 10.69 3.12 -10.05
CA GLN A 614 9.54 4.01 -9.78
C GLN A 614 8.23 3.39 -10.26
N TYR A 615 8.23 2.42 -11.15
CA TYR A 615 6.97 1.91 -11.76
C TYR A 615 6.75 0.46 -11.38
N GLN A 616 7.29 0.02 -10.28
CA GLN A 616 7.03 -1.36 -9.81
C GLN A 616 7.25 -1.41 -8.33
N TYR A 617 6.76 -2.44 -7.70
CA TYR A 617 6.86 -2.59 -6.24
C TYR A 617 6.60 -4.03 -5.87
N MET A 618 6.91 -4.34 -4.62
CA MET A 618 6.56 -5.64 -3.99
C MET A 618 5.23 -5.50 -3.22
N TRP A 619 4.26 -6.31 -3.55
CA TRP A 619 2.97 -6.39 -2.84
C TRP A 619 3.11 -7.44 -1.76
N GLY A 620 3.51 -6.96 -0.61
CA GLY A 620 4.05 -7.81 0.44
C GLY A 620 5.38 -8.37 -0.02
N PRO A 621 5.81 -9.47 0.62
CA PRO A 621 7.12 -10.01 0.32
C PRO A 621 7.17 -10.80 -0.98
N ASN A 622 6.00 -11.19 -1.50
CA ASN A 622 5.96 -12.38 -2.36
C ASN A 622 5.65 -12.04 -3.82
N LEU A 623 5.22 -10.83 -4.11
CA LEU A 623 4.75 -10.51 -5.46
C LEU A 623 5.37 -9.23 -5.95
N LEU A 624 6.03 -9.26 -7.08
CA LEU A 624 6.59 -8.07 -7.75
C LEU A 624 5.60 -7.63 -8.82
N VAL A 625 5.06 -6.45 -8.68
CA VAL A 625 4.02 -5.92 -9.57
C VAL A 625 4.67 -4.81 -10.40
N ALA A 626 4.59 -4.92 -11.72
CA ALA A 626 5.21 -3.98 -12.66
C ALA A 626 4.14 -3.55 -13.63
N PRO A 627 3.25 -2.64 -13.19
CA PRO A 627 2.07 -2.32 -13.99
C PRO A 627 2.41 -1.73 -15.36
N ILE A 628 1.54 -2.00 -16.30
CA ILE A 628 1.54 -1.28 -17.59
C ILE A 628 1.08 0.14 -17.32
N TYR A 629 1.85 1.11 -17.75
CA TYR A 629 1.59 2.52 -17.40
C TYR A 629 1.64 3.39 -18.67
N ASN A 630 1.83 2.85 -19.85
CA ASN A 630 1.80 3.66 -21.08
C ASN A 630 1.16 2.85 -22.19
N GLY A 631 0.88 3.53 -23.30
CA GLY A 631 0.13 2.96 -24.43
C GLY A 631 1.05 2.41 -25.49
N ASN A 632 2.34 2.28 -25.25
CA ASN A 632 3.24 1.67 -26.25
C ASN A 632 2.77 0.25 -26.51
N GLN A 633 2.67 -0.07 -27.78
CA GLN A 633 2.18 -1.39 -28.21
C GLN A 633 2.92 -1.85 -29.44
N ASP A 634 2.60 -3.09 -29.75
CA ASP A 634 2.80 -3.67 -31.10
C ASP A 634 1.48 -3.58 -31.88
N GLU A 635 1.51 -4.07 -33.12
CA GLU A 635 0.36 -4.09 -34.07
C GLU A 635 -0.71 -5.10 -33.60
N ALA A 636 -0.32 -6.03 -32.71
CA ALA A 636 -1.17 -7.10 -32.14
C ALA A 636 -1.82 -6.62 -30.84
N GLY A 637 -1.66 -5.33 -30.49
CA GLY A 637 -2.23 -4.71 -29.28
C GLY A 637 -1.51 -5.10 -28.00
N ASN A 638 -0.40 -5.87 -28.05
CA ASN A 638 0.33 -6.19 -26.80
C ASN A 638 1.00 -4.91 -26.31
N SER A 639 0.87 -4.62 -25.02
CA SER A 639 1.66 -3.53 -24.44
C SER A 639 3.15 -3.91 -24.44
N ILE A 640 4.01 -2.91 -24.63
CA ILE A 640 5.47 -3.12 -24.57
C ILE A 640 5.90 -2.51 -23.24
N ARG A 641 6.30 -3.37 -22.29
CA ARG A 641 6.72 -2.94 -20.94
C ARG A 641 8.23 -2.90 -20.93
N ASP A 642 8.77 -1.72 -20.71
CA ASP A 642 10.23 -1.54 -20.55
C ASP A 642 10.54 -1.48 -19.06
N GLY A 643 11.80 -1.73 -18.74
CA GLY A 643 12.34 -1.51 -17.41
C GLY A 643 11.71 -2.38 -16.35
N ILE A 644 11.45 -3.64 -16.61
CA ILE A 644 10.99 -4.52 -15.51
C ILE A 644 12.24 -4.94 -14.77
N TYR A 645 12.45 -4.44 -13.59
CA TYR A 645 13.65 -4.70 -12.78
C TYR A 645 13.35 -5.92 -11.93
N LEU A 646 14.07 -7.00 -12.22
CA LEU A 646 13.94 -8.24 -11.44
C LEU A 646 15.16 -8.34 -10.55
N PRO A 647 15.01 -8.08 -9.26
CA PRO A 647 16.16 -8.08 -8.38
C PRO A 647 16.75 -9.46 -8.17
N ASP A 648 18.02 -9.43 -7.80
CA ASP A 648 18.73 -10.54 -7.12
C ASP A 648 19.11 -11.60 -8.18
N GLU A 649 20.36 -11.57 -8.60
CA GLU A 649 20.89 -12.50 -9.59
C GLU A 649 20.65 -13.96 -9.16
N LYS A 650 20.41 -14.21 -7.90
CA LYS A 650 20.21 -15.60 -7.38
C LYS A 650 18.74 -15.93 -7.27
N GLN A 651 17.86 -15.02 -7.64
CA GLN A 651 16.43 -15.25 -7.41
C GLN A 651 15.68 -15.51 -8.71
N VAL A 652 14.89 -16.56 -8.68
CA VAL A 652 13.95 -16.84 -9.77
C VAL A 652 12.64 -16.15 -9.46
N TRP A 653 12.11 -15.53 -10.49
CA TRP A 653 10.83 -14.82 -10.49
C TRP A 653 9.88 -15.57 -11.40
N VAL A 654 8.69 -15.82 -10.90
CA VAL A 654 7.70 -16.66 -11.62
C VAL A 654 6.49 -15.83 -12.01
N ASP A 655 6.21 -15.77 -13.29
CA ASP A 655 5.00 -15.09 -13.78
C ASP A 655 3.81 -15.69 -13.05
N LEU A 656 3.05 -14.91 -12.30
CA LEU A 656 1.95 -15.44 -11.48
C LEU A 656 0.91 -16.15 -12.36
N PHE A 657 0.70 -15.69 -13.58
CA PHE A 657 -0.40 -16.17 -14.44
C PHE A 657 0.03 -17.36 -15.27
N THR A 658 1.25 -17.33 -15.81
CA THR A 658 1.70 -18.35 -16.78
C THR A 658 2.66 -19.33 -16.17
N GLY A 659 3.39 -18.97 -15.10
CA GLY A 659 4.42 -19.87 -14.55
C GLY A 659 5.77 -19.67 -15.22
N GLU A 660 5.89 -18.80 -16.22
CA GLU A 660 7.17 -18.54 -16.92
C GLU A 660 8.16 -18.00 -15.90
N LYS A 661 9.40 -18.41 -16.02
CA LYS A 661 10.44 -18.15 -15.01
C LYS A 661 11.49 -17.22 -15.59
N TYR A 662 11.99 -16.35 -14.74
CA TYR A 662 12.98 -15.32 -15.13
C TYR A 662 14.00 -15.21 -14.01
N GLN A 663 15.23 -15.05 -14.42
CA GLN A 663 16.33 -14.90 -13.46
C GLN A 663 16.37 -13.43 -13.09
N GLY A 664 16.52 -13.17 -11.80
CA GLY A 664 16.79 -11.82 -11.32
C GLY A 664 18.17 -11.30 -11.70
N GLY A 665 18.45 -10.10 -11.22
CA GLY A 665 19.71 -9.39 -11.47
C GLY A 665 19.68 -8.66 -12.81
N ARG A 666 18.50 -8.33 -13.35
CA ARG A 666 18.41 -7.79 -14.71
C ARG A 666 17.22 -6.86 -14.76
N VAL A 667 17.29 -5.93 -15.69
CA VAL A 667 16.11 -5.11 -16.07
C VAL A 667 15.73 -5.57 -17.46
N LEU A 668 14.48 -5.96 -17.63
CA LEU A 668 13.98 -6.44 -18.95
C LEU A 668 13.34 -5.28 -19.69
N ASN A 669 13.73 -5.02 -20.93
CA ASN A 669 13.01 -4.08 -21.84
C ASN A 669 12.18 -4.87 -22.86
N GLY A 670 11.25 -4.19 -23.52
CA GLY A 670 10.50 -4.72 -24.66
C GLY A 670 9.70 -5.94 -24.27
N VAL A 671 9.15 -5.98 -23.06
CA VAL A 671 8.37 -7.14 -22.56
C VAL A 671 6.93 -7.05 -23.08
N LYS A 672 6.52 -8.03 -23.87
CA LYS A 672 5.18 -8.04 -24.49
C LYS A 672 4.15 -8.46 -23.47
N THR A 673 3.15 -7.61 -23.28
CA THR A 673 2.16 -7.82 -22.22
C THR A 673 0.78 -7.67 -22.84
N PRO A 674 0.05 -8.78 -23.02
CA PRO A 674 -1.29 -8.69 -23.58
C PRO A 674 -2.22 -7.86 -22.68
N LEU A 675 -3.31 -7.46 -23.30
CA LEU A 675 -4.27 -6.62 -22.58
C LEU A 675 -4.72 -7.35 -21.32
N TRP A 676 -4.88 -8.67 -21.33
CA TRP A 676 -5.47 -9.42 -20.20
C TRP A 676 -4.48 -9.46 -19.05
N LYS A 677 -3.23 -9.12 -19.29
CA LYS A 677 -2.17 -9.46 -18.34
C LYS A 677 -1.57 -8.21 -17.72
N VAL A 678 -1.31 -8.27 -16.43
CA VAL A 678 -0.45 -7.27 -15.78
C VAL A 678 0.81 -7.99 -15.34
N PRO A 679 2.01 -7.42 -15.53
CA PRO A 679 3.23 -8.12 -15.12
C PRO A 679 3.32 -8.27 -13.60
N VAL A 680 3.13 -9.47 -13.14
CA VAL A 680 3.23 -9.82 -11.70
C VAL A 680 4.09 -11.05 -11.59
N PHE A 681 5.12 -10.98 -10.78
CA PHE A 681 6.08 -12.08 -10.64
C PHE A 681 6.09 -12.53 -9.19
N VAL A 682 5.96 -13.82 -8.99
CA VAL A 682 6.08 -14.42 -7.66
C VAL A 682 7.56 -14.58 -7.36
N LYS A 683 7.95 -14.20 -6.17
CA LYS A 683 9.29 -14.47 -5.70
C LYS A 683 9.32 -15.95 -5.38
N ASP A 684 10.05 -16.70 -6.18
CA ASP A 684 10.05 -18.15 -5.92
C ASP A 684 10.43 -18.39 -4.45
N GLY A 685 9.69 -19.26 -3.77
CA GLY A 685 9.77 -19.48 -2.31
C GLY A 685 8.48 -19.06 -1.67
N SER A 686 7.65 -18.32 -2.38
CA SER A 686 6.48 -17.68 -1.77
C SER A 686 5.43 -18.69 -1.27
N ILE A 687 4.92 -18.45 -0.06
CA ILE A 687 3.66 -19.03 0.45
C ILE A 687 2.59 -17.96 0.38
N ILE A 688 1.53 -18.21 -0.38
CA ILE A 688 0.45 -17.23 -0.55
C ILE A 688 -0.83 -17.84 0.01
N PRO A 689 -1.27 -17.48 1.22
CA PRO A 689 -2.55 -17.94 1.73
C PRO A 689 -3.67 -17.39 0.84
N MET A 690 -4.61 -18.27 0.53
CA MET A 690 -5.72 -17.96 -0.40
C MET A 690 -7.03 -18.42 0.20
N THR A 691 -8.12 -17.95 -0.39
CA THR A 691 -9.46 -18.40 -0.02
C THR A 691 -10.30 -18.49 -1.28
N ASN A 692 -11.53 -18.93 -1.11
CA ASN A 692 -12.46 -19.07 -2.24
C ASN A 692 -12.73 -17.68 -2.76
N PRO A 693 -13.01 -17.52 -4.06
CA PRO A 693 -13.41 -16.25 -4.61
C PRO A 693 -14.68 -15.86 -3.87
N ASN A 694 -14.83 -14.57 -3.69
CA ASN A 694 -15.88 -14.09 -2.81
C ASN A 694 -16.12 -12.64 -3.17
N ASN A 695 -17.33 -12.17 -2.92
CA ASN A 695 -17.67 -10.77 -3.27
C ASN A 695 -17.63 -9.88 -2.05
N ASN A 696 -17.43 -10.46 -0.89
CA ASN A 696 -17.34 -9.72 0.37
C ASN A 696 -16.91 -10.69 1.46
N PRO A 697 -16.42 -10.20 2.60
CA PRO A 697 -15.89 -11.09 3.61
C PRO A 697 -16.88 -12.15 4.12
N LYS A 698 -18.18 -11.91 4.09
CA LYS A 698 -19.14 -12.89 4.64
C LYS A 698 -19.27 -14.10 3.72
N GLU A 699 -18.75 -14.02 2.50
CA GLU A 699 -18.78 -15.15 1.55
C GLU A 699 -17.51 -15.98 1.66
N ILE A 700 -16.55 -15.58 2.48
CA ILE A 700 -15.33 -16.39 2.71
C ILE A 700 -15.73 -17.62 3.55
N GLN A 701 -15.27 -18.77 3.15
CA GLN A 701 -15.47 -20.01 3.93
C GLN A 701 -14.43 -20.08 5.04
N ARG A 702 -14.86 -19.79 6.27
CA ARG A 702 -14.00 -19.74 7.47
C ARG A 702 -13.62 -21.15 7.91
N ASP A 703 -14.27 -22.16 7.40
CA ASP A 703 -13.97 -23.56 7.77
C ASP A 703 -13.00 -24.17 6.76
N GLN A 704 -12.31 -23.35 5.97
CA GLN A 704 -11.32 -23.83 4.98
C GLN A 704 -10.08 -22.95 5.12
N ARG A 705 -8.94 -23.48 4.76
CA ARG A 705 -7.72 -22.67 4.58
C ARG A 705 -7.00 -23.28 3.40
N SER A 706 -6.29 -22.45 2.68
CA SER A 706 -5.65 -22.85 1.42
C SER A 706 -4.34 -22.10 1.27
N PHE A 707 -3.31 -22.74 0.76
CA PHE A 707 -1.98 -22.11 0.58
C PHE A 707 -1.48 -22.41 -0.82
N LEU A 708 -1.18 -21.38 -1.58
CA LEU A 708 -0.49 -21.47 -2.89
C LEU A 708 0.97 -21.31 -2.60
N ILE A 709 1.75 -22.35 -2.87
CA ILE A 709 3.16 -22.37 -2.44
C ILE A 709 4.05 -22.63 -3.65
N TYR A 710 5.11 -21.86 -3.76
CA TYR A 710 6.20 -21.93 -4.76
C TYR A 710 7.43 -22.33 -3.99
N PRO A 711 7.63 -23.62 -3.68
CA PRO A 711 8.71 -23.97 -2.77
C PRO A 711 10.04 -23.57 -3.41
N ASN A 712 10.95 -23.11 -2.58
CA ASN A 712 12.30 -22.71 -3.00
C ASN A 712 13.13 -22.60 -1.72
N GLY A 713 13.79 -23.67 -1.34
CA GLY A 713 14.51 -23.72 -0.06
C GLY A 713 13.55 -23.59 1.10
N ALA A 714 13.96 -22.89 2.13
CA ALA A 714 13.20 -22.82 3.38
C ALA A 714 12.59 -21.44 3.49
N THR A 715 11.29 -21.39 3.40
CA THR A 715 10.55 -20.12 3.47
C THR A 715 9.43 -20.31 4.46
N SER A 716 8.78 -19.21 4.79
N SER A 716 8.81 -19.21 4.82
CA SER A 716 7.77 -19.19 5.86
CA SER A 716 7.69 -19.26 5.78
C SER A 716 6.85 -17.99 5.72
C SER A 716 6.75 -18.11 5.51
N PHE A 717 5.64 -18.16 6.24
CA PHE A 717 4.60 -17.13 6.17
C PHE A 717 3.78 -17.25 7.42
N ASN A 718 3.46 -16.08 7.94
CA ASN A 718 2.60 -15.96 9.13
C ASN A 718 1.24 -15.42 8.71
N MET A 719 0.25 -16.30 8.69
CA MET A 719 -1.12 -15.94 8.28
C MET A 719 -1.84 -15.41 9.51
N TYR A 720 -2.29 -14.18 9.35
CA TYR A 720 -3.05 -13.47 10.40
C TYR A 720 -4.54 -13.53 10.10
N GLU A 721 -5.32 -13.61 11.16
CA GLU A 721 -6.78 -13.52 11.07
C GLU A 721 -7.33 -12.94 12.36
N ASP A 722 -8.52 -12.38 12.25
CA ASP A 722 -9.25 -11.89 13.43
C ASP A 722 -10.72 -11.83 13.03
N ASP A 723 -11.54 -11.15 13.83
CA ASP A 723 -12.99 -11.14 13.56
C ASP A 723 -13.27 -10.26 12.35
N GLY A 724 -12.28 -9.52 11.85
CA GLY A 724 -12.43 -8.81 10.57
C GLY A 724 -13.10 -7.49 10.70
N ILE A 725 -13.59 -7.13 11.87
CA ILE A 725 -14.50 -5.98 11.96
C ILE A 725 -14.31 -5.14 13.20
N SER A 726 -13.94 -5.72 14.32
CA SER A 726 -14.02 -5.04 15.63
C SER A 726 -12.67 -4.45 16.00
N THR A 727 -12.60 -3.84 17.18
CA THR A 727 -11.30 -3.40 17.73
C THR A 727 -10.66 -4.46 18.60
N SER A 728 -11.28 -5.63 18.71
CA SER A 728 -10.81 -6.67 19.65
C SER A 728 -9.39 -7.14 19.28
N TYR A 729 -8.94 -6.97 18.03
CA TYR A 729 -7.57 -7.34 17.65
C TYR A 729 -6.57 -6.57 18.49
N GLU A 730 -6.93 -5.37 18.93
CA GLU A 730 -5.99 -4.51 19.71
C GLU A 730 -5.88 -5.05 21.13
N ALA A 731 -6.81 -5.91 21.54
CA ALA A 731 -6.83 -6.53 22.87
C ALA A 731 -6.51 -8.02 22.73
N GLY A 732 -5.76 -8.36 21.69
CA GLY A 732 -5.16 -9.70 21.49
C GLY A 732 -6.15 -10.73 20.96
N GLN A 733 -7.35 -10.34 20.51
CA GLN A 733 -8.33 -11.26 19.92
C GLN A 733 -8.02 -11.36 18.42
N SER A 734 -7.13 -12.28 18.12
CA SER A 734 -6.68 -12.54 16.74
C SER A 734 -6.02 -13.89 16.81
N ALA A 735 -5.72 -14.44 15.66
CA ALA A 735 -5.00 -15.71 15.60
C ALA A 735 -3.97 -15.64 14.50
N THR A 736 -2.88 -16.37 14.70
CA THR A 736 -1.85 -16.49 13.67
C THR A 736 -1.60 -17.96 13.44
N THR A 737 -1.23 -18.25 12.23
CA THR A 737 -0.85 -19.60 11.79
C THR A 737 0.47 -19.49 11.07
N LYS A 738 1.50 -20.16 11.56
CA LYS A 738 2.82 -20.18 10.88
C LYS A 738 2.83 -21.32 9.88
N ILE A 739 3.13 -21.00 8.63
CA ILE A 739 3.33 -22.01 7.56
C ILE A 739 4.80 -22.02 7.16
N ASN A 740 5.37 -23.21 7.11
CA ASN A 740 6.78 -23.37 6.74
C ASN A 740 6.79 -24.23 5.49
N SER A 741 7.56 -23.81 4.49
CA SER A 741 7.85 -24.64 3.31
C SER A 741 9.35 -24.87 3.30
N GLN A 742 9.75 -26.14 3.33
CA GLN A 742 11.17 -26.49 3.43
C GLN A 742 11.42 -27.51 2.32
N GLY A 743 11.95 -27.03 1.21
CA GLY A 743 12.12 -27.90 0.05
C GLY A 743 13.38 -27.57 -0.71
N PRO A 744 13.49 -28.13 -1.92
CA PRO A 744 14.65 -27.82 -2.75
C PRO A 744 14.60 -26.38 -3.23
N LYS A 745 15.74 -25.88 -3.63
CA LYS A 745 15.84 -24.56 -4.28
C LYS A 745 15.17 -24.61 -5.65
N SER A 746 14.86 -23.45 -6.17
CA SER A 746 14.20 -23.27 -7.47
C SER A 746 14.74 -24.26 -8.50
N ASN A 747 13.82 -25.00 -9.11
CA ASN A 747 14.08 -25.87 -10.27
C ASN A 747 14.83 -27.15 -9.86
N GLU A 748 15.06 -27.38 -8.58
CA GLU A 748 15.82 -28.55 -8.08
C GLU A 748 14.88 -29.56 -7.46
N LYS A 749 15.29 -30.82 -7.43
CA LYS A 749 14.44 -31.89 -6.90
C LYS A 749 14.89 -32.21 -5.49
N GLY A 750 13.94 -32.57 -4.63
CA GLY A 750 14.26 -32.91 -3.24
C GLY A 750 13.03 -33.18 -2.44
N ASP A 751 13.19 -33.35 -1.15
CA ASP A 751 12.06 -33.54 -0.21
C ASP A 751 11.50 -32.17 0.11
N LEU A 752 10.18 -32.09 0.13
CA LEU A 752 9.48 -30.87 0.55
C LEU A 752 8.67 -31.23 1.78
N THR A 753 8.84 -30.44 2.84
CA THR A 753 8.04 -30.56 4.07
C THR A 753 7.28 -29.25 4.17
N VAL A 754 5.96 -29.31 4.13
CA VAL A 754 5.12 -28.12 4.46
C VAL A 754 4.54 -28.36 5.86
N THR A 755 4.84 -27.48 6.81
CA THR A 755 4.38 -27.59 8.21
C THR A 755 3.48 -26.41 8.49
N ILE A 756 2.23 -26.68 8.83
CA ILE A 756 1.31 -25.65 9.39
C ILE A 756 1.30 -25.85 10.89
N GLU A 757 1.86 -24.92 11.63
CA GLU A 757 1.89 -24.96 13.11
C GLU A 757 0.49 -24.68 13.62
N PRO A 758 0.13 -25.19 14.82
CA PRO A 758 -1.18 -24.97 15.41
C PRO A 758 -1.43 -23.47 15.45
N THR A 759 -2.65 -23.11 15.12
CA THR A 759 -3.16 -21.73 15.14
C THR A 759 -3.12 -21.27 16.60
N LYS A 760 -2.53 -20.10 16.82
CA LYS A 760 -2.41 -19.50 18.16
C LYS A 760 -3.38 -18.35 18.22
N GLY A 761 -4.27 -18.37 19.20
CA GLY A 761 -5.11 -17.20 19.51
C GLY A 761 -6.55 -17.57 19.26
N SER A 762 -7.43 -16.66 19.58
CA SER A 762 -8.87 -16.85 19.38
C SER A 762 -9.51 -15.48 19.33
N TYR A 763 -10.76 -15.48 18.90
CA TYR A 763 -11.54 -14.24 18.70
C TYR A 763 -12.98 -14.67 18.49
N LYS A 764 -13.88 -13.70 18.52
CA LYS A 764 -15.33 -13.94 18.37
C LYS A 764 -15.59 -14.73 17.10
N ASP A 765 -16.32 -15.83 17.24
CA ASP A 765 -16.79 -16.64 16.10
C ASP A 765 -15.59 -17.26 15.36
N PHE A 766 -14.43 -17.33 16.03
CA PHE A 766 -13.28 -18.12 15.54
C PHE A 766 -13.79 -19.51 15.17
N VAL A 767 -13.38 -19.97 14.00
CA VAL A 767 -13.72 -21.33 13.53
C VAL A 767 -12.50 -22.20 13.74
N ASP A 768 -12.64 -23.18 14.62
CA ASP A 768 -11.50 -24.05 14.99
C ASP A 768 -11.40 -25.18 13.99
N GLU A 769 -12.53 -25.64 13.47
CA GLU A 769 -12.56 -26.87 12.62
C GLU A 769 -12.50 -26.44 11.15
N ARG A 770 -11.35 -26.71 10.52
CA ARG A 770 -11.14 -26.30 9.12
C ARG A 770 -10.51 -27.43 8.32
N SER A 771 -10.90 -27.48 7.07
CA SER A 771 -10.21 -28.31 6.06
C SER A 771 -9.01 -27.51 5.55
N THR A 772 -8.03 -28.18 4.99
CA THR A 772 -6.75 -27.57 4.53
C THR A 772 -6.51 -27.99 3.08
N THR A 773 -6.15 -27.05 2.22
CA THR A 773 -5.68 -27.28 0.85
C THR A 773 -4.28 -26.70 0.74
N LEU A 774 -3.39 -27.45 0.12
CA LEU A 774 -2.11 -26.92 -0.39
C LEU A 774 -2.12 -27.06 -1.91
N ASP A 775 -1.76 -26.00 -2.62
CA ASP A 775 -1.50 -26.01 -4.06
C ASP A 775 -0.03 -25.71 -4.23
N LEU A 776 0.75 -26.74 -4.48
CA LEU A 776 2.21 -26.64 -4.52
C LEU A 776 2.60 -26.60 -5.98
N LEU A 777 3.13 -25.50 -6.48
CA LEU A 777 3.53 -25.46 -7.90
C LEU A 777 4.64 -26.51 -8.04
N ALA A 778 4.49 -27.36 -9.03
CA ALA A 778 5.30 -28.57 -9.20
C ALA A 778 5.34 -28.86 -10.67
N SER A 779 6.42 -29.49 -11.14
CA SER A 779 6.53 -29.78 -12.59
C SER A 779 6.38 -31.27 -12.87
N GLU A 780 6.36 -32.10 -11.83
N GLU A 780 6.37 -32.11 -11.83
CA GLU A 780 6.25 -33.59 -11.94
CA GLU A 780 6.24 -33.59 -11.98
C GLU A 780 5.43 -34.14 -10.79
C GLU A 780 5.44 -34.14 -10.80
N ALA A 781 4.77 -35.28 -11.01
CA ALA A 781 4.12 -35.99 -9.91
C ALA A 781 5.21 -36.37 -8.92
N PRO A 782 4.89 -36.31 -7.62
CA PRO A 782 5.83 -36.66 -6.58
C PRO A 782 6.05 -38.18 -6.47
N GLU A 783 7.07 -38.56 -5.72
CA GLU A 783 7.31 -39.98 -5.40
C GLU A 783 6.27 -40.40 -4.36
N SER A 784 5.99 -39.53 -3.39
CA SER A 784 5.01 -39.86 -2.32
C SER A 784 4.55 -38.58 -1.66
N VAL A 785 3.37 -38.65 -1.08
CA VAL A 785 2.84 -37.55 -0.24
C VAL A 785 2.28 -38.18 1.02
N THR A 786 2.81 -37.80 2.18
CA THR A 786 2.37 -38.30 3.49
C THR A 786 1.96 -37.10 4.33
N ALA A 787 1.07 -37.34 5.26
CA ALA A 787 0.38 -36.30 6.04
C ALA A 787 0.36 -36.76 7.47
N MET A 788 0.85 -35.91 8.36
CA MET A 788 0.70 -36.07 9.81
C MET A 788 -0.16 -34.92 10.30
N VAL A 789 -1.21 -35.25 11.04
CA VAL A 789 -2.11 -34.26 11.68
C VAL A 789 -1.99 -34.44 13.20
N GLY A 790 -1.48 -33.43 13.88
CA GLY A 790 -1.18 -33.46 15.33
C GLY A 790 -0.41 -34.70 15.73
N GLY A 791 0.54 -35.13 14.90
CA GLY A 791 1.43 -36.26 15.24
C GLY A 791 0.86 -37.61 14.86
N THR A 792 -0.37 -37.67 14.33
CA THR A 792 -1.05 -38.92 13.90
C THR A 792 -1.07 -38.95 12.37
N GLU A 793 -0.65 -40.07 11.77
CA GLU A 793 -0.66 -40.18 10.29
C GLU A 793 -2.11 -40.12 9.80
N VAL A 794 -2.32 -39.40 8.71
CA VAL A 794 -3.58 -39.41 7.92
C VAL A 794 -3.20 -39.98 6.57
N THR A 795 -3.85 -41.09 6.20
CA THR A 795 -3.60 -41.74 4.91
C THR A 795 -4.19 -40.86 3.81
N LEU A 796 -3.35 -40.51 2.85
CA LEU A 796 -3.74 -39.74 1.64
C LEU A 796 -3.87 -40.71 0.47
N LYS A 797 -4.95 -40.60 -0.29
CA LYS A 797 -5.17 -41.31 -1.57
C LYS A 797 -4.76 -40.37 -2.71
N GLN A 798 -4.12 -40.89 -3.74
CA GLN A 798 -3.89 -40.16 -5.01
C GLN A 798 -5.23 -40.09 -5.75
N ALA A 799 -5.76 -38.90 -5.98
CA ALA A 799 -6.94 -38.67 -6.85
C ALA A 799 -6.57 -39.11 -8.27
N ALA A 800 -7.51 -39.80 -8.95
CA ALA A 800 -7.29 -40.32 -10.31
C ALA A 800 -7.48 -39.17 -11.30
N ASN A 801 -8.31 -38.20 -10.94
CA ASN A 801 -8.65 -37.07 -11.82
C ASN A 801 -9.07 -35.87 -10.97
N LYS A 802 -9.23 -34.71 -11.60
CA LYS A 802 -9.58 -33.47 -10.88
C LYS A 802 -10.94 -33.61 -10.18
N GLU A 803 -11.93 -34.29 -10.78
CA GLU A 803 -13.30 -34.31 -10.20
C GLU A 803 -13.28 -35.12 -8.90
N GLU A 804 -12.56 -36.23 -8.88
CA GLU A 804 -12.37 -37.02 -7.64
C GLU A 804 -11.70 -36.12 -6.60
N PHE A 805 -10.62 -35.44 -6.97
CA PHE A 805 -9.86 -34.57 -6.04
C PHE A 805 -10.82 -33.54 -5.44
N LEU A 806 -11.61 -32.88 -6.29
CA LEU A 806 -12.50 -31.78 -5.87
C LEU A 806 -13.60 -32.33 -4.96
N ALA A 807 -14.02 -33.58 -5.15
CA ALA A 807 -15.18 -34.20 -4.46
C ALA A 807 -14.76 -34.74 -3.09
N GLY A 808 -13.47 -35.08 -2.94
CA GLY A 808 -12.97 -35.91 -1.84
C GLY A 808 -12.09 -35.12 -0.90
N THR A 809 -11.62 -35.79 0.16
N THR A 809 -11.62 -35.78 0.16
CA THR A 809 -10.70 -35.21 1.18
CA THR A 809 -10.65 -35.19 1.12
C THR A 809 -9.61 -36.25 1.51
C THR A 809 -9.61 -36.24 1.50
N ASN A 810 -8.54 -35.81 2.18
CA ASN A 810 -7.36 -36.66 2.47
C ASN A 810 -6.86 -37.26 1.16
N LEU A 811 -6.67 -36.41 0.15
CA LEU A 811 -6.22 -36.78 -1.20
C LEU A 811 -5.08 -35.85 -1.59
N TYR A 812 -4.26 -36.27 -2.54
CA TYR A 812 -3.43 -35.37 -3.34
C TYR A 812 -3.67 -35.64 -4.82
N TYR A 813 -3.23 -34.70 -5.63
CA TYR A 813 -3.50 -34.68 -7.08
C TYR A 813 -2.43 -33.84 -7.74
N PHE A 814 -1.69 -34.42 -8.68
CA PHE A 814 -0.77 -33.69 -9.57
C PHE A 814 -1.56 -33.25 -10.81
N ASP A 815 -1.69 -31.95 -10.99
CA ASP A 815 -2.64 -31.32 -11.94
C ASP A 815 -1.84 -30.48 -12.92
N LYS A 816 -1.95 -30.73 -14.23
N LYS A 816 -1.95 -30.73 -14.23
CA LYS A 816 -1.28 -29.87 -15.25
CA LYS A 816 -1.28 -29.88 -15.25
C LYS A 816 -2.28 -28.87 -15.81
C LYS A 816 -2.28 -28.88 -15.81
N GLU A 817 -3.48 -28.84 -15.22
CA GLU A 817 -4.55 -27.91 -15.65
C GLU A 817 -4.94 -27.03 -14.46
N PHE A 818 -3.97 -26.72 -13.61
CA PHE A 818 -4.19 -25.90 -12.41
C PHE A 818 -4.29 -24.45 -12.88
N GLN A 819 -5.39 -23.82 -12.54
CA GLN A 819 -5.62 -22.42 -12.87
C GLN A 819 -5.61 -21.60 -11.59
N VAL A 820 -4.67 -20.68 -11.48
N VAL A 820 -4.67 -20.68 -11.48
CA VAL A 820 -4.61 -19.78 -10.31
CA VAL A 820 -4.58 -19.77 -10.31
C VAL A 820 -5.87 -18.92 -10.32
C VAL A 820 -5.80 -18.86 -10.32
N ASN A 821 -6.37 -18.59 -11.50
CA ASN A 821 -7.56 -17.72 -11.58
C ASN A 821 -8.44 -18.12 -12.77
N GLN A 822 -9.42 -18.97 -12.54
CA GLN A 822 -10.29 -19.46 -13.63
C GLN A 822 -11.02 -18.28 -14.29
N TYR A 823 -11.35 -17.24 -13.53
CA TYR A 823 -12.03 -16.08 -14.16
C TYR A 823 -11.08 -15.46 -15.19
N LEU A 824 -9.77 -15.41 -14.92
CA LEU A 824 -8.81 -14.78 -15.86
C LEU A 824 -8.62 -15.68 -17.04
N SER A 825 -8.55 -16.98 -16.80
CA SER A 825 -8.44 -17.94 -17.91
C SER A 825 -9.61 -17.67 -18.86
N GLU A 826 -10.81 -17.64 -18.31
CA GLU A 826 -12.02 -17.46 -19.14
C GLU A 826 -12.00 -16.08 -19.78
N ALA A 827 -11.59 -15.03 -19.07
CA ALA A 827 -11.63 -13.65 -19.58
C ALA A 827 -10.54 -13.44 -20.65
N SER A 828 -9.38 -14.08 -20.53
CA SER A 828 -8.21 -13.86 -21.41
C SER A 828 -8.36 -14.69 -22.69
N GLY A 829 -9.22 -15.70 -22.66
CA GLY A 829 -9.31 -16.73 -23.71
C GLY A 829 -8.05 -17.59 -23.74
N GLU A 830 -7.18 -17.50 -22.74
CA GLU A 830 -6.01 -18.38 -22.56
C GLU A 830 -6.31 -19.38 -21.43
N LYS A 831 -5.86 -20.62 -21.55
CA LYS A 831 -6.14 -21.59 -20.48
C LYS A 831 -5.40 -21.17 -19.22
N LEU A 832 -4.18 -20.63 -19.42
CA LEU A 832 -3.28 -20.23 -18.31
C LEU A 832 -3.10 -21.42 -17.36
N ASN A 833 -2.96 -22.60 -17.91
CA ASN A 833 -2.75 -23.79 -17.09
C ASN A 833 -1.35 -23.74 -16.50
N GLN A 834 -1.26 -24.15 -15.26
CA GLN A 834 0.03 -24.43 -14.61
C GLN A 834 -0.02 -25.82 -14.01
N SER A 835 1.15 -26.33 -13.65
CA SER A 835 1.27 -27.64 -13.02
C SER A 835 1.39 -27.43 -11.52
N ALA A 836 0.57 -28.15 -10.77
CA ALA A 836 0.58 -28.08 -9.31
C ALA A 836 0.32 -29.47 -8.73
N LEU A 837 0.94 -29.72 -7.60
CA LEU A 837 0.62 -30.84 -6.70
C LEU A 837 -0.27 -30.29 -5.61
N SER A 838 -1.54 -30.66 -5.63
CA SER A 838 -2.53 -30.14 -4.67
C SER A 838 -2.80 -31.22 -3.62
N VAL A 839 -3.00 -30.83 -2.39
CA VAL A 839 -3.23 -31.75 -1.26
C VAL A 839 -4.40 -31.23 -0.45
N LYS A 840 -5.33 -32.10 -0.09
CA LYS A 840 -6.53 -31.71 0.68
C LYS A 840 -6.62 -32.60 1.92
N LEU A 841 -6.72 -31.99 3.11
CA LEU A 841 -6.94 -32.68 4.40
C LEU A 841 -8.33 -32.36 4.90
N ALA A 842 -8.93 -33.34 5.57
CA ALA A 842 -10.28 -33.26 6.18
C ALA A 842 -10.26 -32.22 7.29
N LYS A 843 -11.45 -31.79 7.69
CA LYS A 843 -11.61 -30.86 8.81
C LYS A 843 -10.83 -31.39 10.02
N GLN A 844 -10.16 -30.48 10.69
CA GLN A 844 -9.43 -30.76 11.93
C GLN A 844 -9.47 -29.51 12.79
N SER A 845 -9.22 -29.68 14.07
CA SER A 845 -8.97 -28.56 14.98
C SER A 845 -7.64 -27.90 14.59
N VAL A 846 -7.68 -26.63 14.17
CA VAL A 846 -6.45 -25.94 13.72
C VAL A 846 -5.67 -25.50 14.95
N THR A 847 -6.32 -25.40 16.12
CA THR A 847 -5.65 -25.02 17.39
C THR A 847 -5.00 -26.25 18.01
N ALA A 848 -5.65 -27.40 17.97
CA ALA A 848 -5.22 -28.59 18.73
C ALA A 848 -4.21 -29.41 17.91
N LYS A 849 -4.28 -29.35 16.59
CA LYS A 849 -3.47 -30.25 15.73
C LYS A 849 -2.80 -29.47 14.60
N ASP A 850 -1.49 -29.69 14.46
CA ASP A 850 -0.69 -29.15 13.33
C ASP A 850 -0.96 -29.99 12.06
N VAL A 851 -0.32 -29.59 10.97
CA VAL A 851 -0.27 -30.33 9.69
C VAL A 851 1.19 -30.42 9.31
N GLN A 852 1.65 -31.61 8.97
CA GLN A 852 2.96 -31.79 8.33
C GLN A 852 2.73 -32.64 7.09
N ILE A 853 2.95 -32.05 5.92
CA ILE A 853 2.89 -32.76 4.62
C ILE A 853 4.33 -32.92 4.16
N THR A 854 4.68 -34.16 3.84
CA THR A 854 6.01 -34.49 3.29
C THR A 854 5.80 -34.98 1.86
N VAL A 855 6.47 -34.33 0.93
CA VAL A 855 6.50 -34.72 -0.50
C VAL A 855 7.90 -35.21 -0.80
N LYS A 856 8.01 -36.47 -1.20
CA LYS A 856 9.28 -37.03 -1.69
C LYS A 856 9.33 -36.86 -3.21
N GLY A 857 10.49 -36.48 -3.76
CA GLY A 857 10.63 -36.26 -5.21
C GLY A 857 9.89 -35.02 -5.64
N PHE A 858 9.87 -34.02 -4.76
CA PHE A 858 9.29 -32.71 -5.10
C PHE A 858 10.19 -32.02 -6.12
N ILE A 859 9.62 -31.50 -7.19
CA ILE A 859 10.37 -30.62 -8.13
C ILE A 859 9.39 -29.65 -8.77
N ASN A 860 9.85 -28.42 -8.91
CA ASN A 860 9.13 -27.38 -9.69
C ASN A 860 10.10 -26.75 -10.68
N LYS A 861 10.37 -27.45 -11.78
CA LYS A 861 11.43 -27.04 -12.73
C LYS A 861 10.80 -26.48 -13.99
N GLY A 862 11.29 -25.34 -14.44
CA GLY A 862 11.00 -24.79 -15.76
C GLY A 862 12.23 -24.12 -16.31
N THR A 863 12.21 -23.79 -17.59
CA THR A 863 13.34 -23.04 -18.20
C THR A 863 13.29 -21.62 -17.67
N VAL A 864 14.44 -21.13 -17.27
CA VAL A 864 14.54 -19.78 -16.67
C VAL A 864 15.15 -18.85 -17.70
N ASP A 865 14.42 -17.82 -18.05
CA ASP A 865 14.97 -16.73 -18.90
C ASP A 865 16.12 -16.10 -18.12
N GLY A 866 17.31 -16.09 -18.71
CA GLY A 866 18.54 -15.56 -18.12
C GLY A 866 19.07 -16.47 -17.04
N GLY A 867 18.58 -17.71 -16.98
CA GLY A 867 18.93 -18.65 -15.88
C GLY A 867 20.41 -19.03 -15.90
N ASN A 868 20.98 -19.15 -17.09
CA ASN A 868 22.40 -19.51 -17.31
C ASN A 868 23.21 -18.25 -17.66
N THR A 869 23.97 -17.72 -16.70
CA THR A 869 24.94 -16.61 -16.89
C THR A 869 26.36 -17.16 -17.15
N THR A 870 26.50 -18.48 -17.33
CA THR A 870 27.77 -19.16 -17.71
C THR A 870 28.29 -18.61 -19.05
N VAL A 871 29.60 -18.39 -19.15
CA VAL A 871 30.28 -17.89 -20.39
C VAL A 871 30.40 -19.07 -21.37
N ASP A 872 29.56 -19.09 -22.42
CA ASP A 872 29.62 -20.16 -23.47
C ASP A 872 30.88 -19.92 -24.33
N ALA A 882 29.09 0.20 -31.13
CA ALA A 882 29.11 1.64 -31.48
C ALA A 882 27.90 2.34 -30.87
N ILE A 883 28.04 3.63 -30.55
CA ILE A 883 26.88 4.57 -30.44
C ILE A 883 26.49 4.92 -31.88
N ASN A 884 25.27 4.57 -32.28
CA ASN A 884 24.64 4.98 -33.56
C ASN A 884 24.34 6.47 -33.45
N GLU A 885 25.28 7.29 -33.95
CA GLU A 885 25.28 8.78 -33.89
C GLU A 885 23.97 9.33 -34.45
N GLU A 886 23.44 8.71 -35.51
CA GLU A 886 22.27 9.20 -36.29
C GLU A 886 20.97 8.99 -35.49
N LYS A 887 20.99 8.20 -34.41
CA LYS A 887 19.78 7.85 -33.61
C LYS A 887 19.83 8.52 -32.22
N THR A 888 20.92 9.22 -31.89
CA THR A 888 21.09 9.98 -30.62
C THR A 888 20.06 11.11 -30.57
N THR A 889 19.08 11.01 -29.67
CA THR A 889 18.09 12.08 -29.38
C THR A 889 18.65 12.93 -28.23
N PRO A 890 17.88 13.90 -27.70
CA PRO A 890 18.24 14.55 -26.45
C PRO A 890 17.63 13.67 -25.34
N SER A 891 18.39 12.72 -24.79
CA SER A 891 17.99 11.84 -23.66
C SER A 891 17.90 10.36 -24.04
N SER A 892 18.10 9.97 -25.30
CA SER A 892 18.17 8.54 -25.68
C SER A 892 19.43 8.28 -26.51
N LEU A 893 20.17 7.25 -26.11
CA LEU A 893 21.33 6.73 -26.87
C LEU A 893 20.94 5.33 -27.39
N THR A 894 21.30 5.05 -28.64
CA THR A 894 21.07 3.73 -29.28
C THR A 894 22.43 3.10 -29.56
N LEU A 895 22.63 1.92 -28.99
CA LEU A 895 23.85 1.10 -29.16
C LEU A 895 23.60 0.07 -30.27
N GLN A 896 24.58 -0.16 -31.15
CA GLN A 896 24.53 -1.24 -32.17
C GLN A 896 25.81 -2.08 -32.09
N TRP A 897 25.78 -3.27 -32.68
CA TRP A 897 26.88 -4.28 -32.67
C TRP A 897 26.69 -5.28 -33.81
N THR A 904 19.98 -16.04 -29.09
CA THR A 904 18.51 -15.78 -29.03
C THR A 904 18.21 -14.42 -28.35
N SER A 905 19.21 -13.73 -27.78
CA SER A 905 19.09 -12.34 -27.26
C SER A 905 20.46 -11.77 -26.83
N TYR A 906 20.48 -10.50 -26.38
CA TYR A 906 21.68 -9.76 -25.90
C TYR A 906 21.41 -9.13 -24.53
N GLU A 907 22.47 -8.75 -23.81
CA GLU A 907 22.42 -7.91 -22.57
C GLU A 907 23.35 -6.69 -22.70
N VAL A 908 22.99 -5.57 -22.08
CA VAL A 908 23.76 -4.28 -22.07
C VAL A 908 23.79 -3.71 -20.64
N GLU A 909 24.96 -3.33 -20.13
CA GLU A 909 25.10 -2.67 -18.79
C GLU A 909 25.09 -1.15 -19.01
N ARG A 910 24.08 -0.46 -18.46
CA ARG A 910 23.86 1.01 -18.57
C ARG A 910 24.11 1.62 -17.18
N ASP A 911 25.22 2.34 -17.01
CA ASP A 911 25.59 3.01 -15.73
C ASP A 911 25.56 1.99 -14.59
N GLY A 912 26.05 0.77 -14.79
CA GLY A 912 26.15 -0.27 -13.74
C GLY A 912 24.85 -1.04 -13.50
N THR A 913 23.82 -0.88 -14.36
CA THR A 913 22.55 -1.65 -14.35
C THR A 913 22.52 -2.53 -15.61
N VAL A 914 22.33 -3.84 -15.45
CA VAL A 914 22.29 -4.82 -16.56
C VAL A 914 20.86 -4.90 -17.15
N PHE A 915 20.75 -4.69 -18.47
CA PHE A 915 19.52 -4.80 -19.27
C PHE A 915 19.49 -6.08 -20.10
N GLY A 916 18.36 -6.80 -20.09
CA GLY A 916 18.15 -8.02 -20.89
C GLY A 916 16.87 -7.96 -21.73
N ASN A 917 16.58 -9.07 -22.42
CA ASN A 917 15.41 -9.28 -23.33
C ASN A 917 15.58 -8.41 -24.57
N ILE A 918 16.84 -8.13 -24.95
CA ILE A 918 17.19 -7.37 -26.19
C ILE A 918 17.21 -8.38 -27.35
N GLN A 919 16.10 -8.45 -28.09
CA GLN A 919 15.74 -9.56 -29.02
C GLN A 919 16.43 -9.39 -30.38
N THR A 920 16.89 -8.18 -30.70
CA THR A 920 17.48 -7.86 -32.02
C THR A 920 18.91 -7.33 -31.82
N ASN A 921 19.44 -6.66 -32.85
CA ASN A 921 20.90 -6.40 -33.04
C ASN A 921 21.23 -4.94 -32.70
N THR A 922 20.53 -4.37 -31.73
CA THR A 922 20.64 -2.95 -31.32
C THR A 922 19.86 -2.83 -30.00
N ALA A 923 20.02 -1.71 -29.30
CA ALA A 923 19.28 -1.39 -28.07
C ALA A 923 19.39 0.10 -27.81
N THR A 924 18.27 0.76 -27.53
CA THR A 924 18.25 2.19 -27.19
C THR A 924 17.86 2.31 -25.70
N PHE A 925 18.46 3.29 -25.02
CA PHE A 925 18.31 3.58 -23.58
C PHE A 925 17.97 5.05 -23.43
N ASP A 926 16.92 5.31 -22.66
CA ASP A 926 16.35 6.68 -22.54
C ASP A 926 15.96 6.87 -21.08
N GLY A 927 15.11 7.87 -20.80
CA GLY A 927 14.88 8.42 -19.45
C GLY A 927 16.13 9.12 -18.94
N PHE A 928 17.03 9.52 -19.85
CA PHE A 928 18.24 10.33 -19.55
C PHE A 928 17.84 11.81 -19.51
N SER A 929 18.59 12.61 -18.76
CA SER A 929 18.41 14.09 -18.65
C SER A 929 18.91 14.77 -19.94
N HIS A 934 27.40 8.24 -20.26
CA HIS A 934 26.92 6.88 -19.89
C HIS A 934 27.81 5.84 -20.57
N THR A 935 28.19 4.78 -19.85
CA THR A 935 29.06 3.69 -20.38
C THR A 935 28.18 2.49 -20.69
N PHE A 936 28.42 1.88 -21.86
CA PHE A 936 27.65 0.74 -22.42
C PHE A 936 28.59 -0.42 -22.70
N ARG A 937 28.41 -1.52 -21.98
CA ARG A 937 29.05 -2.82 -22.29
C ARG A 937 27.94 -3.74 -22.79
N VAL A 938 28.28 -4.65 -23.71
CA VAL A 938 27.33 -5.57 -24.39
C VAL A 938 27.90 -6.99 -24.29
N ARG A 939 27.03 -7.99 -24.17
CA ARG A 939 27.36 -9.44 -24.19
C ARG A 939 26.23 -10.17 -24.94
N ALA A 940 26.53 -11.30 -25.59
CA ALA A 940 25.53 -12.15 -26.31
C ALA A 940 24.88 -13.13 -25.33
N VAL A 941 23.59 -13.48 -25.58
CA VAL A 941 22.82 -14.56 -24.88
C VAL A 941 22.43 -15.64 -25.92
N GLY A 942 22.56 -16.91 -25.56
CA GLY A 942 22.18 -18.06 -26.40
C GLY A 942 21.57 -19.18 -25.58
N LYS A 943 21.71 -20.42 -26.06
CA LYS A 943 21.08 -21.63 -25.47
C LYS A 943 21.90 -22.09 -24.25
N ASN A 944 23.21 -21.84 -24.25
CA ASN A 944 24.20 -22.46 -23.34
C ASN A 944 24.88 -21.42 -22.44
N GLY A 945 24.35 -20.20 -22.39
CA GLY A 945 24.88 -19.12 -21.53
C GLY A 945 25.16 -17.86 -22.33
N VAL A 946 26.15 -17.07 -21.90
CA VAL A 946 26.42 -15.67 -22.41
C VAL A 946 27.89 -15.56 -22.85
N SER A 947 28.35 -14.35 -23.19
CA SER A 947 29.79 -13.96 -23.34
C SER A 947 30.21 -13.08 -22.15
N GLU A 948 31.49 -12.64 -22.12
CA GLU A 948 32.00 -11.70 -21.09
C GLU A 948 31.83 -10.26 -21.62
N TRP A 949 31.99 -9.26 -20.73
CA TRP A 949 31.73 -7.82 -21.01
C TRP A 949 32.64 -7.32 -22.13
N SER A 950 32.09 -6.78 -23.22
CA SER A 950 32.88 -6.13 -24.29
C SER A 950 33.54 -4.87 -23.72
N GLU A 951 34.33 -4.16 -24.54
CA GLU A 951 35.01 -2.91 -24.12
C GLU A 951 33.95 -1.91 -23.65
N PRO A 952 34.16 -1.20 -22.52
CA PRO A 952 33.30 -0.07 -22.15
C PRO A 952 33.22 0.99 -23.27
#